data_469D
# 
_entry.id   469D 
# 
_audit_conform.dict_name       mmcif_pdbx.dic 
_audit_conform.dict_version    5.387 
_audit_conform.dict_location   http://mmcif.pdb.org/dictionaries/ascii/mmcif_pdbx.dic 
# 
loop_
_database_2.database_id 
_database_2.database_code 
_database_2.pdbx_database_accession 
_database_2.pdbx_DOI 
PDB   469D         pdb_0000469d 10.2210/pdb469d/pdb 
RCSB  AR0015       ?            ?                   
WWPDB D_1000179246 ?            ?                   
# 
loop_
_pdbx_audit_revision_history.ordinal 
_pdbx_audit_revision_history.data_content_type 
_pdbx_audit_revision_history.major_revision 
_pdbx_audit_revision_history.minor_revision 
_pdbx_audit_revision_history.revision_date 
1 'Structure model' 1 0 1999-05-12 
2 'Structure model' 1 1 2008-05-22 
3 'Structure model' 1 2 2011-07-13 
4 'Structure model' 1 3 2011-11-16 
5 'Structure model' 1 4 2013-01-16 
6 'Structure model' 1 5 2013-02-27 
7 'Structure model' 1 6 2024-02-28 
# 
_pdbx_audit_revision_details.ordinal             1 
_pdbx_audit_revision_details.revision_ordinal    1 
_pdbx_audit_revision_details.data_content_type   'Structure model' 
_pdbx_audit_revision_details.provider            repository 
_pdbx_audit_revision_details.type                'Initial release' 
_pdbx_audit_revision_details.description         ? 
_pdbx_audit_revision_details.details             ? 
# 
loop_
_pdbx_audit_revision_group.ordinal 
_pdbx_audit_revision_group.revision_ordinal 
_pdbx_audit_revision_group.data_content_type 
_pdbx_audit_revision_group.group 
1 2 'Structure model' 'Version format compliance' 
2 3 'Structure model' 'Version format compliance' 
3 4 'Structure model' 'Atomic model'              
4 5 'Structure model' 'Atomic model'              
5 6 'Structure model' 'Atomic model'              
6 7 'Structure model' 'Data collection'           
7 7 'Structure model' 'Database references'       
8 7 'Structure model' 'Derived calculations'      
# 
loop_
_pdbx_audit_revision_category.ordinal 
_pdbx_audit_revision_category.revision_ordinal 
_pdbx_audit_revision_category.data_content_type 
_pdbx_audit_revision_category.category 
1 7 'Structure model' chem_comp_atom         
2 7 'Structure model' chem_comp_bond         
3 7 'Structure model' database_2             
4 7 'Structure model' pdbx_struct_conn_angle 
5 7 'Structure model' struct_conn            
6 7 'Structure model' struct_conn_type       
7 7 'Structure model' struct_site            
# 
loop_
_pdbx_audit_revision_item.ordinal 
_pdbx_audit_revision_item.revision_ordinal 
_pdbx_audit_revision_item.data_content_type 
_pdbx_audit_revision_item.item 
1  7 'Structure model' '_database_2.pdbx_DOI'                      
2  7 'Structure model' '_database_2.pdbx_database_accession'       
3  7 'Structure model' '_pdbx_struct_conn_angle.ptnr1_auth_seq_id' 
4  7 'Structure model' '_pdbx_struct_conn_angle.ptnr3_auth_seq_id' 
5  7 'Structure model' '_pdbx_struct_conn_angle.value'             
6  7 'Structure model' '_struct_conn.conn_type_id'                 
7  7 'Structure model' '_struct_conn.id'                           
8  7 'Structure model' '_struct_conn.pdbx_dist_value'              
9  7 'Structure model' '_struct_conn.pdbx_leaving_atom_flag'       
10 7 'Structure model' '_struct_conn.ptnr1_auth_asym_id'           
11 7 'Structure model' '_struct_conn.ptnr1_auth_comp_id'           
12 7 'Structure model' '_struct_conn.ptnr1_auth_seq_id'            
13 7 'Structure model' '_struct_conn.ptnr1_label_asym_id'          
14 7 'Structure model' '_struct_conn.ptnr1_label_atom_id'          
15 7 'Structure model' '_struct_conn.ptnr1_label_comp_id'          
16 7 'Structure model' '_struct_conn.ptnr1_label_seq_id'           
17 7 'Structure model' '_struct_conn.ptnr1_symmetry'               
18 7 'Structure model' '_struct_conn.ptnr2_auth_asym_id'           
19 7 'Structure model' '_struct_conn.ptnr2_auth_comp_id'           
20 7 'Structure model' '_struct_conn.ptnr2_auth_seq_id'            
21 7 'Structure model' '_struct_conn.ptnr2_label_asym_id'          
22 7 'Structure model' '_struct_conn.ptnr2_label_atom_id'          
23 7 'Structure model' '_struct_conn.ptnr2_label_comp_id'          
24 7 'Structure model' '_struct_conn.ptnr2_label_seq_id'           
25 7 'Structure model' '_struct_conn.ptnr2_symmetry'               
26 7 'Structure model' '_struct_conn_type.id'                      
27 7 'Structure model' '_struct_site.pdbx_auth_asym_id'            
28 7 'Structure model' '_struct_site.pdbx_auth_comp_id'            
29 7 'Structure model' '_struct_site.pdbx_auth_seq_id'             
# 
_pdbx_database_status.status_code                     REL 
_pdbx_database_status.entry_id                        469D 
_pdbx_database_status.recvd_initial_deposition_date   1999-04-29 
_pdbx_database_status.deposit_site                    NDB 
_pdbx_database_status.process_site                    NDB 
_pdbx_database_status.status_code_sf                  REL 
_pdbx_database_status.status_code_mr                  ? 
_pdbx_database_status.SG_entry                        ? 
_pdbx_database_status.status_code_cs                  ? 
_pdbx_database_status.pdb_format_compatible           Y 
_pdbx_database_status.status_code_nmr_data            ? 
_pdbx_database_status.methods_development_category    ? 
# 
loop_
_audit_author.name 
_audit_author.pdbx_ordinal 
'Teplova, M.'  1 
'Minasov, G.'  2 
'Tereshko, V.' 3 
'Inamati, G.'  4 
'Cook, P.D.'   5 
'Egli, M.'     6 
# 
_citation.id                        primary 
_citation.title                     
;Crystal structure and improved antisense properties of 2'-O-(2-methoxyethyl)-RNA.
;
_citation.journal_abbrev            Nat.Struct.Biol. 
_citation.journal_volume            6 
_citation.page_first                535 
_citation.page_last                 539 
_citation.year                      1999 
_citation.journal_id_ASTM           NSBIEW 
_citation.country                   US 
_citation.journal_id_ISSN           1072-8368 
_citation.journal_id_CSD            2024 
_citation.book_publisher            ? 
_citation.pdbx_database_id_PubMed   10360355 
_citation.pdbx_database_id_DOI      10.1038/9304 
# 
loop_
_citation_author.citation_id 
_citation_author.name 
_citation_author.ordinal 
_citation_author.identifier_ORCID 
primary 'Teplova, M.'   1 ? 
primary 'Minasov, G.'   2 ? 
primary 'Tereshko, V.'  3 ? 
primary 'Inamati, G.B.' 4 ? 
primary 'Cook, P.D.'    5 ? 
primary 'Manoharan, M.' 6 ? 
primary 'Egli, M.'      7 ? 
# 
loop_
_entity.id 
_entity.type 
_entity.src_method 
_entity.pdbx_description 
_entity.formula_weight 
_entity.pdbx_number_of_molecules 
_entity.pdbx_ec 
_entity.pdbx_mutation 
_entity.pdbx_fragment 
_entity.details 
1 polymer     syn 
;RNA (5'-R(*(C43)P*(G48)P*(C43)P*(G48)P*(A44)P*(A44)P*(U36)P*(U36)P*(C43)P*(G48)P*(C43)P*(G48))-3')
;
4524.284 2   ? ? ? 'O2* OF EACH RIBOSE MODIFIED BY METHOXYETHYL' 
2 non-polymer syn 'MAGNESIUM ION'                                                                                      24.305   1 
? ? ? ?                                             
3 water       nat water                                                                                                18.015   
105 ? ? ? ?                                             
# 
_entity_poly.entity_id                      1 
_entity_poly.type                           polyribonucleotide 
_entity_poly.nstd_linkage                   no 
_entity_poly.nstd_monomer                   yes 
_entity_poly.pdbx_seq_one_letter_code       '(C43)(G48)(C43)(G48)(A44)(A44)(U36)(U36)(C43)(G48)(C43)(G48)' 
_entity_poly.pdbx_seq_one_letter_code_can   CGCGAAUUCGCG 
_entity_poly.pdbx_strand_id                 A,B 
_entity_poly.pdbx_target_identifier         ? 
# 
loop_
_pdbx_entity_nonpoly.entity_id 
_pdbx_entity_nonpoly.name 
_pdbx_entity_nonpoly.comp_id 
2 'MAGNESIUM ION' MG  
3 water           HOH 
# 
loop_
_entity_poly_seq.entity_id 
_entity_poly_seq.num 
_entity_poly_seq.mon_id 
_entity_poly_seq.hetero 
1 1  C43 n 
1 2  G48 n 
1 3  C43 n 
1 4  G48 n 
1 5  A44 n 
1 6  A44 n 
1 7  U36 n 
1 8  U36 n 
1 9  C43 n 
1 10 G48 n 
1 11 C43 n 
1 12 G48 n 
# 
loop_
_chem_comp.id 
_chem_comp.type 
_chem_comp.mon_nstd_flag 
_chem_comp.name 
_chem_comp.pdbx_synonyms 
_chem_comp.formula 
_chem_comp.formula_weight 
A44 'RNA linking' n 
;2'-O-METHYOXYETHYL-ADENOSINE 5'-MONOPHOSPHATE
;
? 'C13 H20 N5 O8 P'  405.300 
C43 'RNA linking' n "2'-O-METHYOXYETHYL-CYTIDINE-5'-MONOPHOSPHATE"  ? 'C12 H20 N3 O9 P'  381.276 
G48 'RNA linking' n "2'-O-METHYOXYETHYL-GUANOSINE-5'-MONOPHOSPHATE" ? 'C13 H20 N5 O9 P'  421.300 
HOH non-polymer   . WATER                                           ? 'H2 O'             18.015  
MG  non-polymer   . 'MAGNESIUM ION'                                 ? 'Mg 2'             24.305  
U36 'RNA linking' n "2'-O-METHYOXYETHYL-URIDINE-5'-MONOPHOSPHATE"   ? 'C12 H19 N2 O10 P' 382.260 
# 
loop_
_pdbx_poly_seq_scheme.asym_id 
_pdbx_poly_seq_scheme.entity_id 
_pdbx_poly_seq_scheme.seq_id 
_pdbx_poly_seq_scheme.mon_id 
_pdbx_poly_seq_scheme.ndb_seq_num 
_pdbx_poly_seq_scheme.pdb_seq_num 
_pdbx_poly_seq_scheme.auth_seq_num 
_pdbx_poly_seq_scheme.pdb_mon_id 
_pdbx_poly_seq_scheme.auth_mon_id 
_pdbx_poly_seq_scheme.pdb_strand_id 
_pdbx_poly_seq_scheme.pdb_ins_code 
_pdbx_poly_seq_scheme.hetero 
A 1 1  C43 1  1  1  C43 +C A . n 
A 1 2  G48 2  2  2  G48 +G A . n 
A 1 3  C43 3  3  3  C43 +C A . n 
A 1 4  G48 4  4  4  G48 +G A . n 
A 1 5  A44 5  5  5  A44 +A A . n 
A 1 6  A44 6  6  6  A44 +A A . n 
A 1 7  U36 7  7  7  U36 +U A . n 
A 1 8  U36 8  8  8  U36 +U A . n 
A 1 9  C43 9  9  9  C43 +C A . n 
A 1 10 G48 10 10 10 G48 +G A . n 
A 1 11 C43 11 11 11 C43 +C A . n 
A 1 12 G48 12 12 12 G48 +G A . n 
B 1 1  C43 1  13 13 C43 +C B . n 
B 1 2  G48 2  14 14 G48 +G B . n 
B 1 3  C43 3  15 15 C43 +C B . n 
B 1 4  G48 4  16 16 G48 +G B . n 
B 1 5  A44 5  17 17 A44 +A B . n 
B 1 6  A44 6  18 18 A44 +A B . n 
B 1 7  U36 7  19 19 U36 +U B . n 
B 1 8  U36 8  20 20 U36 +U B . n 
B 1 9  C43 9  21 21 C43 +C B . n 
B 1 10 G48 10 22 22 G48 +G B . n 
B 1 11 C43 11 23 23 C43 +C B . n 
B 1 12 G48 12 24 24 G48 +G B . n 
# 
loop_
_pdbx_nonpoly_scheme.asym_id 
_pdbx_nonpoly_scheme.entity_id 
_pdbx_nonpoly_scheme.mon_id 
_pdbx_nonpoly_scheme.ndb_seq_num 
_pdbx_nonpoly_scheme.pdb_seq_num 
_pdbx_nonpoly_scheme.auth_seq_num 
_pdbx_nonpoly_scheme.pdb_mon_id 
_pdbx_nonpoly_scheme.auth_mon_id 
_pdbx_nonpoly_scheme.pdb_strand_id 
_pdbx_nonpoly_scheme.pdb_ins_code 
C 2 MG  1  100 100 MG  MG  A . 
D 3 HOH 1  102 102 HOH HOH A . 
D 3 HOH 2  106 106 HOH HOH A . 
D 3 HOH 3  108 108 HOH HOH A . 
D 3 HOH 4  109 109 HOH HOH A . 
D 3 HOH 5  112 112 HOH HOH A . 
D 3 HOH 6  115 115 HOH HOH A . 
D 3 HOH 7  116 116 HOH HOH A . 
D 3 HOH 8  118 118 HOH HOH A . 
D 3 HOH 9  119 119 HOH HOH A . 
D 3 HOH 10 120 120 HOH HOH A . 
D 3 HOH 11 122 122 HOH HOH A . 
D 3 HOH 12 124 124 HOH HOH A . 
D 3 HOH 13 125 125 HOH HOH A . 
D 3 HOH 14 129 129 HOH HOH A . 
D 3 HOH 15 134 134 HOH HOH A . 
D 3 HOH 16 135 135 HOH HOH A . 
D 3 HOH 17 136 136 HOH HOH A . 
D 3 HOH 18 140 140 HOH HOH A . 
D 3 HOH 19 141 141 HOH HOH A . 
D 3 HOH 20 143 143 HOH HOH A . 
D 3 HOH 21 145 145 HOH HOH A . 
D 3 HOH 22 146 146 HOH HOH A . 
D 3 HOH 23 149 149 HOH HOH A . 
D 3 HOH 24 153 153 HOH HOH A . 
D 3 HOH 25 155 155 HOH HOH A . 
D 3 HOH 26 161 161 HOH HOH A . 
D 3 HOH 27 162 162 HOH HOH A . 
D 3 HOH 28 164 164 HOH HOH A . 
D 3 HOH 29 166 166 HOH HOH A . 
D 3 HOH 30 167 167 HOH HOH A . 
D 3 HOH 31 168 168 HOH HOH A . 
D 3 HOH 32 170 170 HOH HOH A . 
D 3 HOH 33 174 174 HOH HOH A . 
D 3 HOH 34 177 177 HOH HOH A . 
D 3 HOH 35 178 178 HOH HOH A . 
D 3 HOH 36 180 180 HOH HOH A . 
D 3 HOH 37 181 181 HOH HOH A . 
D 3 HOH 38 183 183 HOH HOH A . 
D 3 HOH 39 184 184 HOH HOH A . 
D 3 HOH 40 186 186 HOH HOH A . 
D 3 HOH 41 190 190 HOH HOH A . 
D 3 HOH 42 193 193 HOH HOH A . 
D 3 HOH 43 198 198 HOH HOH A . 
D 3 HOH 44 199 199 HOH HOH A . 
D 3 HOH 45 200 200 HOH HOH A . 
D 3 HOH 46 201 201 HOH HOH A . 
D 3 HOH 47 203 203 HOH HOH A . 
E 3 HOH 1  101 101 HOH HOH B . 
E 3 HOH 2  103 103 HOH HOH B . 
E 3 HOH 3  104 104 HOH HOH B . 
E 3 HOH 4  105 105 HOH HOH B . 
E 3 HOH 5  107 107 HOH HOH B . 
E 3 HOH 6  110 110 HOH HOH B . 
E 3 HOH 7  111 111 HOH HOH B . 
E 3 HOH 8  113 113 HOH HOH B . 
E 3 HOH 9  114 114 HOH HOH B . 
E 3 HOH 10 117 117 HOH HOH B . 
E 3 HOH 11 121 121 HOH HOH B . 
E 3 HOH 12 123 123 HOH HOH B . 
E 3 HOH 13 126 126 HOH HOH B . 
E 3 HOH 14 127 127 HOH HOH B . 
E 3 HOH 15 128 128 HOH HOH B . 
E 3 HOH 16 130 130 HOH HOH B . 
E 3 HOH 17 131 131 HOH HOH B . 
E 3 HOH 18 132 132 HOH HOH B . 
E 3 HOH 19 133 133 HOH HOH B . 
E 3 HOH 20 137 137 HOH HOH B . 
E 3 HOH 21 138 138 HOH HOH B . 
E 3 HOH 22 139 139 HOH HOH B . 
E 3 HOH 23 142 142 HOH HOH B . 
E 3 HOH 24 144 144 HOH HOH B . 
E 3 HOH 25 147 147 HOH HOH B . 
E 3 HOH 26 148 148 HOH HOH B . 
E 3 HOH 27 150 150 HOH HOH B . 
E 3 HOH 28 151 151 HOH HOH B . 
E 3 HOH 29 152 152 HOH HOH B . 
E 3 HOH 30 154 154 HOH HOH B . 
E 3 HOH 31 156 156 HOH HOH B . 
E 3 HOH 32 157 157 HOH HOH B . 
E 3 HOH 33 158 158 HOH HOH B . 
E 3 HOH 34 159 159 HOH HOH B . 
E 3 HOH 35 160 160 HOH HOH B . 
E 3 HOH 36 163 163 HOH HOH B . 
E 3 HOH 37 165 165 HOH HOH B . 
E 3 HOH 38 169 169 HOH HOH B . 
E 3 HOH 39 171 171 HOH HOH B . 
E 3 HOH 40 172 172 HOH HOH B . 
E 3 HOH 41 173 173 HOH HOH B . 
E 3 HOH 42 175 175 HOH HOH B . 
E 3 HOH 43 176 176 HOH HOH B . 
E 3 HOH 44 179 179 HOH HOH B . 
E 3 HOH 45 182 182 HOH HOH B . 
E 3 HOH 46 185 185 HOH HOH B . 
E 3 HOH 47 187 187 HOH HOH B . 
E 3 HOH 48 188 188 HOH HOH B . 
E 3 HOH 49 189 189 HOH HOH B . 
E 3 HOH 50 191 191 HOH HOH B . 
E 3 HOH 51 192 192 HOH HOH B . 
E 3 HOH 52 194 194 HOH HOH B . 
E 3 HOH 53 195 195 HOH HOH B . 
E 3 HOH 54 196 196 HOH HOH B . 
E 3 HOH 55 197 197 HOH HOH B . 
E 3 HOH 56 202 202 HOH HOH B . 
E 3 HOH 57 204 204 HOH HOH B . 
E 3 HOH 58 205 205 HOH HOH B . 
# 
loop_
_software.name 
_software.classification 
_software.version 
_software.citation_id 
_software.pdbx_ordinal 
AMoRE     phasing          .     ? 1 
X-PLOR    refinement       3.851 ? 2 
DENZO     'data reduction' .     ? 3 
SCALEPACK 'data scaling'   .     ? 4 
# 
_cell.entry_id           469D 
_cell.length_a           41.20 
_cell.length_b           34.440 
_cell.length_c           46.620 
_cell.angle_alpha        90.00 
_cell.angle_beta         92.40 
_cell.angle_gamma        90.00 
_cell.Z_PDB              8 
_cell.pdbx_unique_axis   ? 
# 
_symmetry.entry_id                         469D 
_symmetry.space_group_name_H-M             'C 1 2 1' 
_symmetry.pdbx_full_space_group_name_H-M   ? 
_symmetry.cell_setting                     monoclinic 
_symmetry.Int_Tables_number                5 
# 
_exptl.entry_id          469D 
_exptl.method            'X-RAY DIFFRACTION' 
_exptl.crystals_number   1 
# 
_exptl_crystal.id                    1 
_exptl_crystal.density_meas          ? 
_exptl_crystal.density_Matthews      1.83 
_exptl_crystal.density_percent_sol   32.64 
_exptl_crystal.description           ? 
# 
_exptl_crystal_grow.crystal_id      1 
_exptl_crystal_grow.method          'VAPOR DIFFUSION, HANGING DROP' 
_exptl_crystal_grow.temp            295 
_exptl_crystal_grow.temp_details    ? 
_exptl_crystal_grow.pH              6.2 
_exptl_crystal_grow.pdbx_details    
;DROPLETS CONTAINING 2MM OLIGONUCLEOTIDE, 50 MM MGCL2, 50 MM NA HEPES PH 6.2, 15% PEG 400, AGAINST 1 ML OF RESERVOIR SOLUTION CONTAINING 100 MM MGCL2, 100 MM NA HEPES PH 6.2, 30% PEG 400, VAPOR DIFFUSION, HANGING DROP, temperature 295K
;
_exptl_crystal_grow.pdbx_pH_range   ? 
# 
loop_
_exptl_crystal_grow_comp.crystal_id 
_exptl_crystal_grow_comp.id 
_exptl_crystal_grow_comp.sol_id 
_exptl_crystal_grow_comp.name 
_exptl_crystal_grow_comp.volume 
_exptl_crystal_grow_comp.conc 
_exptl_crystal_grow_comp.details 
1 1 1 MGCL2      ? ? ? 
1 2 1 'NA HEPES' ? ? ? 
1 3 1 'PEG 400'  ? ? ? 
1 4 2 MGCL2      ? ? ? 
1 5 2 'NA HEPES' ? ? ? 
1 6 2 'PEG 400'  ? ? ? 
# 
_diffrn.id                     1 
_diffrn.ambient_temp           120 
_diffrn.ambient_temp_details   ? 
_diffrn.crystal_id             1 
# 
_diffrn_detector.diffrn_id              1 
_diffrn_detector.detector               CCD 
_diffrn_detector.type                   MARRESEARCH 
_diffrn_detector.pdbx_collection_date   1998-02-07 
_diffrn_detector.details                MIRRORS 
# 
_diffrn_radiation.diffrn_id                        1 
_diffrn_radiation.wavelength_id                    1 
_diffrn_radiation.pdbx_monochromatic_or_laue_m_l   M 
_diffrn_radiation.monochromator                    ? 
_diffrn_radiation.pdbx_diffrn_protocol             'SINGLE WAVELENGTH' 
_diffrn_radiation.pdbx_scattering_type             x-ray 
# 
_diffrn_radiation_wavelength.id           1 
_diffrn_radiation_wavelength.wavelength   0.9780 
_diffrn_radiation_wavelength.wt           1.0 
# 
_diffrn_source.diffrn_id                   1 
_diffrn_source.source                      SYNCHROTRON 
_diffrn_source.type                        'APS BEAMLINE 5ID-B' 
_diffrn_source.pdbx_synchrotron_site       APS 
_diffrn_source.pdbx_synchrotron_beamline   5ID-B 
_diffrn_source.pdbx_wavelength             0.9780 
_diffrn_source.pdbx_wavelength_list        ? 
# 
_reflns.entry_id                     469D 
_reflns.observed_criterion_sigma_I   0.0 
_reflns.observed_criterion_sigma_F   ? 
_reflns.d_resolution_low             20.0 
_reflns.d_resolution_high            1.70 
_reflns.number_obs                   7032 
_reflns.number_all                   7032 
_reflns.percent_possible_obs         99.4 
_reflns.pdbx_Rmerge_I_obs            0.055 
_reflns.pdbx_Rsym_value              ? 
_reflns.pdbx_netI_over_sigmaI        ? 
_reflns.B_iso_Wilson_estimate        ? 
_reflns.pdbx_redundancy              5.6 
_reflns.pdbx_ordinal                 1 
_reflns.pdbx_diffrn_id               1 
# 
_refine.entry_id                                 469D 
_refine.ls_number_reflns_obs                     6412 
_refine.ls_number_reflns_all                     ? 
_refine.pdbx_ls_sigma_I                          ? 
_refine.pdbx_ls_sigma_F                          2.0 
_refine.pdbx_data_cutoff_high_absF               ? 
_refine.pdbx_data_cutoff_low_absF                ? 
_refine.pdbx_data_cutoff_high_rms_absF           ? 
_refine.ls_d_res_low                             8.0 
_refine.ls_d_res_high                            1.7 
_refine.ls_percent_reflns_obs                    88.7 
_refine.ls_R_factor_obs                          0.206 
_refine.ls_R_factor_all                          ? 
_refine.ls_R_factor_R_work                       0.206 
_refine.ls_R_factor_R_free                       0.258 
_refine.ls_R_factor_R_free_error                 ? 
_refine.ls_R_factor_R_free_error_details         ? 
_refine.ls_percent_reflns_R_free                 10 
_refine.ls_number_reflns_R_free                  ? 
_refine.ls_number_parameters                     ? 
_refine.ls_number_restraints                     ? 
_refine.occupancy_min                            ? 
_refine.occupancy_max                            ? 
_refine.B_iso_mean                               ? 
_refine.aniso_B[1][1]                            ? 
_refine.aniso_B[2][2]                            ? 
_refine.aniso_B[3][3]                            ? 
_refine.aniso_B[1][2]                            ? 
_refine.aniso_B[1][3]                            ? 
_refine.aniso_B[2][3]                            ? 
_refine.solvent_model_details                    ? 
_refine.solvent_model_param_ksol                 ? 
_refine.solvent_model_param_bsol                 ? 
_refine.pdbx_ls_cross_valid_method               THROUGHOUT 
_refine.details                                  ? 
_refine.pdbx_starting_model                      ? 
_refine.pdbx_method_to_determine_struct          ? 
_refine.pdbx_isotropic_thermal_model             ? 
_refine.pdbx_stereochemistry_target_values       ? 
_refine.pdbx_stereochem_target_val_spec_case     ? 
_refine.pdbx_R_Free_selection_details            RANDOM 
_refine.pdbx_overall_ESU_R                       ? 
_refine.pdbx_overall_ESU_R_Free                  ? 
_refine.overall_SU_ML                            ? 
_refine.overall_SU_B                             ? 
_refine.pdbx_refine_id                           'X-RAY DIFFRACTION' 
_refine.pdbx_diffrn_id                           1 
_refine.pdbx_TLS_residual_ADP_flag               ? 
_refine.correlation_coeff_Fo_to_Fc               ? 
_refine.correlation_coeff_Fo_to_Fc_free          ? 
_refine.pdbx_solvent_vdw_probe_radii             ? 
_refine.pdbx_solvent_ion_probe_radii             ? 
_refine.pdbx_solvent_shrinkage_radii             ? 
_refine.pdbx_overall_phase_error                 ? 
_refine.overall_SU_R_Cruickshank_DPI             ? 
_refine.pdbx_overall_SU_R_free_Cruickshank_DPI   ? 
_refine.pdbx_overall_SU_R_Blow_DPI               ? 
_refine.pdbx_overall_SU_R_free_Blow_DPI          ? 
# 
_refine_hist.pdbx_refine_id                   'X-RAY DIFFRACTION' 
_refine_hist.cycle_id                         LAST 
_refine_hist.pdbx_number_atoms_protein        0 
_refine_hist.pdbx_number_atoms_nucleic_acid   602 
_refine_hist.pdbx_number_atoms_ligand         1 
_refine_hist.number_atoms_solvent             105 
_refine_hist.number_atoms_total               708 
_refine_hist.d_res_high                       1.7 
_refine_hist.d_res_low                        8.0 
# 
loop_
_refine_ls_restr.type 
_refine_ls_restr.dev_ideal 
_refine_ls_restr.dev_ideal_target 
_refine_ls_restr.weight 
_refine_ls_restr.number 
_refine_ls_restr.pdbx_refine_id 
_refine_ls_restr.pdbx_restraint_function 
x_bond_d                0.011 ? ? ? 'X-RAY DIFFRACTION' ? 
x_bond_d_na             ?     ? ? ? 'X-RAY DIFFRACTION' ? 
x_bond_d_prot           ?     ? ? ? 'X-RAY DIFFRACTION' ? 
x_angle_d               ?     ? ? ? 'X-RAY DIFFRACTION' ? 
x_angle_d_na            ?     ? ? ? 'X-RAY DIFFRACTION' ? 
x_angle_d_prot          ?     ? ? ? 'X-RAY DIFFRACTION' ? 
x_angle_deg             1.89  ? ? ? 'X-RAY DIFFRACTION' ? 
x_angle_deg_na          ?     ? ? ? 'X-RAY DIFFRACTION' ? 
x_angle_deg_prot        ?     ? ? ? 'X-RAY DIFFRACTION' ? 
x_dihedral_angle_d      ?     ? ? ? 'X-RAY DIFFRACTION' ? 
x_dihedral_angle_d_na   ?     ? ? ? 'X-RAY DIFFRACTION' ? 
x_dihedral_angle_d_prot ?     ? ? ? 'X-RAY DIFFRACTION' ? 
x_improper_angle_d      ?     ? ? ? 'X-RAY DIFFRACTION' ? 
x_improper_angle_d_na   ?     ? ? ? 'X-RAY DIFFRACTION' ? 
x_improper_angle_d_prot ?     ? ? ? 'X-RAY DIFFRACTION' ? 
x_mcbond_it             ?     ? ? ? 'X-RAY DIFFRACTION' ? 
x_mcangle_it            ?     ? ? ? 'X-RAY DIFFRACTION' ? 
x_scbond_it             ?     ? ? ? 'X-RAY DIFFRACTION' ? 
x_scangle_it            ?     ? ? ? 'X-RAY DIFFRACTION' ? 
# 
_struct.entry_id                  469D 
_struct.title                     
;CRYSTAL STRUCTURE AND IMPROVED ANTISENSE PROPERTIES OF 2'-O-(2-METHOXYETHYL)-RNA
;
_struct.pdbx_model_details        ? 
_struct.pdbx_CASP_flag            ? 
_struct.pdbx_model_type_details   ? 
# 
_struct_keywords.entry_id        469D 
_struct_keywords.pdbx_keywords   RNA 
_struct_keywords.text            
;2'-O-(2-METHOXYETHYL) RIBOSE, RNA DODECAMER DUPLEX, RNA
;
# 
loop_
_struct_asym.id 
_struct_asym.pdbx_blank_PDB_chainid_flag 
_struct_asym.pdbx_modified 
_struct_asym.entity_id 
_struct_asym.details 
A N N 1 ? 
B N N 1 ? 
C N N 2 ? 
D N N 3 ? 
E N N 3 ? 
# 
_struct_ref.id                         1 
_struct_ref.entity_id                  1 
_struct_ref.db_name                    PDB 
_struct_ref.db_code                    469D 
_struct_ref.pdbx_db_accession          469D 
_struct_ref.pdbx_db_isoform            ? 
_struct_ref.pdbx_seq_one_letter_code   ? 
_struct_ref.pdbx_align_begin           ? 
# 
loop_
_struct_ref_seq.align_id 
_struct_ref_seq.ref_id 
_struct_ref_seq.pdbx_PDB_id_code 
_struct_ref_seq.pdbx_strand_id 
_struct_ref_seq.seq_align_beg 
_struct_ref_seq.pdbx_seq_align_beg_ins_code 
_struct_ref_seq.seq_align_end 
_struct_ref_seq.pdbx_seq_align_end_ins_code 
_struct_ref_seq.pdbx_db_accession 
_struct_ref_seq.db_align_beg 
_struct_ref_seq.pdbx_db_align_beg_ins_code 
_struct_ref_seq.db_align_end 
_struct_ref_seq.pdbx_db_align_end_ins_code 
_struct_ref_seq.pdbx_auth_seq_align_beg 
_struct_ref_seq.pdbx_auth_seq_align_end 
1 1 469D A 1 ? 12 ? 469D 1  ? 12 ? 1  12 
2 1 469D B 1 ? 12 ? 469D 13 ? 24 ? 13 24 
# 
_pdbx_struct_assembly.id                   1 
_pdbx_struct_assembly.details              author_defined_assembly 
_pdbx_struct_assembly.method_details       ? 
_pdbx_struct_assembly.oligomeric_details   dimeric 
_pdbx_struct_assembly.oligomeric_count     2 
# 
_pdbx_struct_assembly_gen.assembly_id       1 
_pdbx_struct_assembly_gen.oper_expression   1 
_pdbx_struct_assembly_gen.asym_id_list      A,B,C,D,E 
# 
_pdbx_struct_oper_list.id                   1 
_pdbx_struct_oper_list.type                 'identity operation' 
_pdbx_struct_oper_list.name                 1_555 
_pdbx_struct_oper_list.symmetry_operation   x,y,z 
_pdbx_struct_oper_list.matrix[1][1]         1.0000000000 
_pdbx_struct_oper_list.matrix[1][2]         0.0000000000 
_pdbx_struct_oper_list.matrix[1][3]         0.0000000000 
_pdbx_struct_oper_list.vector[1]            0.0000000000 
_pdbx_struct_oper_list.matrix[2][1]         0.0000000000 
_pdbx_struct_oper_list.matrix[2][2]         1.0000000000 
_pdbx_struct_oper_list.matrix[2][3]         0.0000000000 
_pdbx_struct_oper_list.vector[2]            0.0000000000 
_pdbx_struct_oper_list.matrix[3][1]         0.0000000000 
_pdbx_struct_oper_list.matrix[3][2]         0.0000000000 
_pdbx_struct_oper_list.matrix[3][3]         1.0000000000 
_pdbx_struct_oper_list.vector[3]            0.0000000000 
# 
_struct_biol.id   1 
# 
loop_
_struct_conn.id 
_struct_conn.conn_type_id 
_struct_conn.pdbx_leaving_atom_flag 
_struct_conn.pdbx_PDB_id 
_struct_conn.ptnr1_label_asym_id 
_struct_conn.ptnr1_label_comp_id 
_struct_conn.ptnr1_label_seq_id 
_struct_conn.ptnr1_label_atom_id 
_struct_conn.pdbx_ptnr1_label_alt_id 
_struct_conn.pdbx_ptnr1_PDB_ins_code 
_struct_conn.pdbx_ptnr1_standard_comp_id 
_struct_conn.ptnr1_symmetry 
_struct_conn.ptnr2_label_asym_id 
_struct_conn.ptnr2_label_comp_id 
_struct_conn.ptnr2_label_seq_id 
_struct_conn.ptnr2_label_atom_id 
_struct_conn.pdbx_ptnr2_label_alt_id 
_struct_conn.pdbx_ptnr2_PDB_ins_code 
_struct_conn.ptnr1_auth_asym_id 
_struct_conn.ptnr1_auth_comp_id 
_struct_conn.ptnr1_auth_seq_id 
_struct_conn.ptnr2_auth_asym_id 
_struct_conn.ptnr2_auth_comp_id 
_struct_conn.ptnr2_auth_seq_id 
_struct_conn.ptnr2_symmetry 
_struct_conn.pdbx_ptnr3_label_atom_id 
_struct_conn.pdbx_ptnr3_label_seq_id 
_struct_conn.pdbx_ptnr3_label_comp_id 
_struct_conn.pdbx_ptnr3_label_asym_id 
_struct_conn.pdbx_ptnr3_label_alt_id 
_struct_conn.pdbx_ptnr3_PDB_ins_code 
_struct_conn.details 
_struct_conn.pdbx_dist_value 
_struct_conn.pdbx_value_order 
_struct_conn.pdbx_role 
covale1  covale one  ? A C43 1  "O3'" ? ? ? 1_555 A G48 2  P  ? ? A C43 1   A G48 2   1_555 ? ? ? ? ? ? ?            1.610 ? ? 
covale2  covale both ? A G48 2  "O3'" ? ? ? 1_555 A C43 3  P  ? ? A G48 2   A C43 3   1_555 ? ? ? ? ? ? ?            1.600 ? ? 
covale3  covale one  ? A C43 3  "O3'" ? ? ? 1_555 A G48 4  P  ? ? A C43 3   A G48 4   1_555 ? ? ? ? ? ? ?            1.617 ? ? 
covale4  covale both ? A G48 4  "O3'" ? ? ? 1_555 A A44 5  P  ? ? A G48 4   A A44 5   1_555 ? ? ? ? ? ? ?            1.602 ? ? 
covale5  covale both ? A A44 5  "O3'" ? ? ? 1_555 A A44 6  P  ? ? A A44 5   A A44 6   1_555 ? ? ? ? ? ? ?            1.606 ? ? 
covale6  covale both ? A A44 6  "O3'" ? ? ? 1_555 A U36 7  P  ? ? A A44 6   A U36 7   1_555 ? ? ? ? ? ? ?            1.600 ? ? 
covale7  covale one  ? A U36 7  "O3'" ? ? ? 1_555 A U36 8  P  ? ? A U36 7   A U36 8   1_555 ? ? ? ? ? ? ?            1.612 ? ? 
covale8  covale one  ? A U36 8  "O3'" ? ? ? 1_555 A C43 9  P  ? ? A U36 8   A C43 9   1_555 ? ? ? ? ? ? ?            1.599 ? ? 
covale9  covale one  ? A C43 9  "O3'" ? ? ? 1_555 A G48 10 P  ? ? A C43 9   A G48 10  1_555 ? ? ? ? ? ? ?            1.606 ? ? 
covale10 covale both ? A G48 10 "O3'" ? ? ? 1_555 A C43 11 P  ? ? A G48 10  A C43 11  1_555 ? ? ? ? ? ? ?            1.608 ? ? 
covale11 covale one  ? A C43 11 "O3'" ? ? ? 1_555 A G48 12 P  ? ? A C43 11  A G48 12  1_555 ? ? ? ? ? ? ?            1.602 ? ? 
covale12 covale one  ? B C43 1  "O3'" ? ? ? 1_555 B G48 2  P  ? ? B C43 13  B G48 14  1_555 ? ? ? ? ? ? ?            1.596 ? ? 
covale13 covale both ? B G48 2  "O3'" ? ? ? 1_555 B C43 3  P  ? ? B G48 14  B C43 15  1_555 ? ? ? ? ? ? ?            1.608 ? ? 
covale14 covale one  ? B C43 3  "O3'" ? ? ? 1_555 B G48 4  P  ? ? B C43 15  B G48 16  1_555 ? ? ? ? ? ? ?            1.609 ? ? 
covale15 covale both ? B G48 4  "O3'" ? ? ? 1_555 B A44 5  P  ? ? B G48 16  B A44 17  1_555 ? ? ? ? ? ? ?            1.611 ? ? 
covale16 covale both ? B A44 5  "O3'" ? ? ? 1_555 B A44 6  P  ? ? B A44 17  B A44 18  1_555 ? ? ? ? ? ? ?            1.602 ? ? 
covale17 covale both ? B A44 6  "O3'" ? ? ? 1_555 B U36 7  P  ? ? B A44 18  B U36 19  1_555 ? ? ? ? ? ? ?            1.602 ? ? 
covale18 covale one  ? B U36 7  "O3'" ? ? ? 1_555 B U36 8  P  ? ? B U36 19  B U36 20  1_555 ? ? ? ? ? ? ?            1.602 ? ? 
covale19 covale one  ? B U36 8  "O3'" ? ? ? 1_555 B C43 9  P  ? ? B U36 20  B C43 21  1_555 ? ? ? ? ? ? ?            1.606 ? ? 
covale20 covale one  ? B C43 9  "O3'" ? ? ? 1_555 B G48 10 P  ? ? B C43 21  B G48 22  1_555 ? ? ? ? ? ? ?            1.604 ? ? 
covale21 covale both ? B G48 10 "O3'" ? ? ? 1_555 B C43 11 P  ? ? B G48 22  B C43 23  1_555 ? ? ? ? ? ? ?            1.606 ? ? 
covale22 covale one  ? B C43 11 "O3'" ? ? ? 1_555 B G48 12 P  ? ? B C43 23  B G48 24  1_555 ? ? ? ? ? ? ?            1.609 ? ? 
metalc1  metalc ?    ? C MG  .  MG    ? ? ? 1_555 D HOH .  O  ? ? A MG  100 A HOH 102 1_555 ? ? ? ? ? ? ?            2.195 ? ? 
metalc2  metalc ?    ? C MG  .  MG    ? ? ? 2_656 E HOH .  O  ? ? A MG  100 B HOH 101 1_555 ? ? ? ? ? ? ?            2.166 ? ? 
metalc3  metalc ?    ? C MG  .  MG    ? ? ? 1_555 E HOH .  O  ? ? A MG  100 B HOH 101 1_555 ? ? ? ? ? ? ?            2.172 ? ? 
metalc4  metalc ?    ? C MG  .  MG    ? ? ? 2_656 E HOH .  O  ? ? A MG  100 B HOH 103 1_555 ? ? ? ? ? ? ?            2.159 ? ? 
metalc5  metalc ?    ? C MG  .  MG    ? ? ? 1_555 E HOH .  O  ? ? A MG  100 B HOH 103 1_555 ? ? ? ? ? ? ?            2.166 ? ? 
hydrog1  hydrog ?    ? A C43 1  N3    ? ? ? 1_555 B G48 12 N1 ? ? A C43 1   B G48 24  1_555 ? ? ? ? ? ? WATSON-CRICK ?     ? ? 
hydrog2  hydrog ?    ? A C43 1  N4    ? ? ? 1_555 B G48 12 O6 ? ? A C43 1   B G48 24  1_555 ? ? ? ? ? ? WATSON-CRICK ?     ? ? 
hydrog3  hydrog ?    ? A C43 1  O2    ? ? ? 1_555 B G48 12 N2 ? ? A C43 1   B G48 24  1_555 ? ? ? ? ? ? WATSON-CRICK ?     ? ? 
hydrog4  hydrog ?    ? A G48 2  N1    ? ? ? 1_555 B C43 11 N3 ? ? A G48 2   B C43 23  1_555 ? ? ? ? ? ? WATSON-CRICK ?     ? ? 
hydrog5  hydrog ?    ? A G48 2  N2    ? ? ? 1_555 B C43 11 O2 ? ? A G48 2   B C43 23  1_555 ? ? ? ? ? ? WATSON-CRICK ?     ? ? 
hydrog6  hydrog ?    ? A G48 2  O6    ? ? ? 1_555 B C43 11 N4 ? ? A G48 2   B C43 23  1_555 ? ? ? ? ? ? WATSON-CRICK ?     ? ? 
hydrog7  hydrog ?    ? A C43 3  N3    ? ? ? 1_555 B G48 10 N1 ? ? A C43 3   B G48 22  1_555 ? ? ? ? ? ? WATSON-CRICK ?     ? ? 
hydrog8  hydrog ?    ? A C43 3  N4    ? ? ? 1_555 B G48 10 O6 ? ? A C43 3   B G48 22  1_555 ? ? ? ? ? ? WATSON-CRICK ?     ? ? 
hydrog9  hydrog ?    ? A C43 3  O2    ? ? ? 1_555 B G48 10 N2 ? ? A C43 3   B G48 22  1_555 ? ? ? ? ? ? WATSON-CRICK ?     ? ? 
hydrog10 hydrog ?    ? A G48 4  N1    ? ? ? 1_555 B C43 9  N3 ? ? A G48 4   B C43 21  1_555 ? ? ? ? ? ? WATSON-CRICK ?     ? ? 
hydrog11 hydrog ?    ? A G48 4  N2    ? ? ? 1_555 B C43 9  O2 ? ? A G48 4   B C43 21  1_555 ? ? ? ? ? ? WATSON-CRICK ?     ? ? 
hydrog12 hydrog ?    ? A G48 4  O6    ? ? ? 1_555 B C43 9  N4 ? ? A G48 4   B C43 21  1_555 ? ? ? ? ? ? WATSON-CRICK ?     ? ? 
hydrog13 hydrog ?    ? A A44 5  N1    ? ? ? 1_555 B U36 8  N3 ? ? A A44 5   B U36 20  1_555 ? ? ? ? ? ? WATSON-CRICK ?     ? ? 
hydrog14 hydrog ?    ? A A44 5  N6    ? ? ? 1_555 B U36 8  O4 ? ? A A44 5   B U36 20  1_555 ? ? ? ? ? ? WATSON-CRICK ?     ? ? 
hydrog15 hydrog ?    ? A A44 6  N1    ? ? ? 1_555 B U36 7  N3 ? ? A A44 6   B U36 19  1_555 ? ? ? ? ? ? WATSON-CRICK ?     ? ? 
hydrog16 hydrog ?    ? A A44 6  N6    ? ? ? 1_555 B U36 7  O4 ? ? A A44 6   B U36 19  1_555 ? ? ? ? ? ? WATSON-CRICK ?     ? ? 
hydrog17 hydrog ?    ? A U36 7  N3    ? ? ? 1_555 B A44 6  N1 ? ? A U36 7   B A44 18  1_555 ? ? ? ? ? ? WATSON-CRICK ?     ? ? 
hydrog18 hydrog ?    ? A U36 7  O4    ? ? ? 1_555 B A44 6  N6 ? ? A U36 7   B A44 18  1_555 ? ? ? ? ? ? WATSON-CRICK ?     ? ? 
hydrog19 hydrog ?    ? A U36 8  N3    ? ? ? 1_555 B A44 5  N1 ? ? A U36 8   B A44 17  1_555 ? ? ? ? ? ? WATSON-CRICK ?     ? ? 
hydrog20 hydrog ?    ? A U36 8  O4    ? ? ? 1_555 B A44 5  N6 ? ? A U36 8   B A44 17  1_555 ? ? ? ? ? ? WATSON-CRICK ?     ? ? 
hydrog21 hydrog ?    ? A C43 9  N3    ? ? ? 1_555 B G48 4  N1 ? ? A C43 9   B G48 16  1_555 ? ? ? ? ? ? WATSON-CRICK ?     ? ? 
hydrog22 hydrog ?    ? A C43 9  N4    ? ? ? 1_555 B G48 4  O6 ? ? A C43 9   B G48 16  1_555 ? ? ? ? ? ? WATSON-CRICK ?     ? ? 
hydrog23 hydrog ?    ? A C43 9  O2    ? ? ? 1_555 B G48 4  N2 ? ? A C43 9   B G48 16  1_555 ? ? ? ? ? ? WATSON-CRICK ?     ? ? 
hydrog24 hydrog ?    ? A G48 10 N1    ? ? ? 1_555 B C43 3  N3 ? ? A G48 10  B C43 15  1_555 ? ? ? ? ? ? WATSON-CRICK ?     ? ? 
hydrog25 hydrog ?    ? A G48 10 N2    ? ? ? 1_555 B C43 3  O2 ? ? A G48 10  B C43 15  1_555 ? ? ? ? ? ? WATSON-CRICK ?     ? ? 
hydrog26 hydrog ?    ? A G48 10 O6    ? ? ? 1_555 B C43 3  N4 ? ? A G48 10  B C43 15  1_555 ? ? ? ? ? ? WATSON-CRICK ?     ? ? 
hydrog27 hydrog ?    ? A C43 11 N3    ? ? ? 1_555 B G48 2  N1 ? ? A C43 11  B G48 14  1_555 ? ? ? ? ? ? WATSON-CRICK ?     ? ? 
hydrog28 hydrog ?    ? A C43 11 N4    ? ? ? 1_555 B G48 2  O6 ? ? A C43 11  B G48 14  1_555 ? ? ? ? ? ? WATSON-CRICK ?     ? ? 
hydrog29 hydrog ?    ? A C43 11 O2    ? ? ? 1_555 B G48 2  N2 ? ? A C43 11  B G48 14  1_555 ? ? ? ? ? ? WATSON-CRICK ?     ? ? 
hydrog30 hydrog ?    ? A G48 12 N1    ? ? ? 1_555 B C43 1  N3 ? ? A G48 12  B C43 13  1_555 ? ? ? ? ? ? WATSON-CRICK ?     ? ? 
hydrog31 hydrog ?    ? A G48 12 N2    ? ? ? 1_555 B C43 1  O2 ? ? A G48 12  B C43 13  1_555 ? ? ? ? ? ? WATSON-CRICK ?     ? ? 
hydrog32 hydrog ?    ? A G48 12 O6    ? ? ? 1_555 B C43 1  N4 ? ? A G48 12  B C43 13  1_555 ? ? ? ? ? ? WATSON-CRICK ?     ? ? 
# 
loop_
_struct_conn_type.id 
_struct_conn_type.criteria 
_struct_conn_type.reference 
covale ? ? 
metalc ? ? 
hydrog ? ? 
# 
loop_
_pdbx_struct_conn_angle.id 
_pdbx_struct_conn_angle.ptnr1_label_atom_id 
_pdbx_struct_conn_angle.ptnr1_label_alt_id 
_pdbx_struct_conn_angle.ptnr1_label_asym_id 
_pdbx_struct_conn_angle.ptnr1_label_comp_id 
_pdbx_struct_conn_angle.ptnr1_label_seq_id 
_pdbx_struct_conn_angle.ptnr1_auth_atom_id 
_pdbx_struct_conn_angle.ptnr1_auth_asym_id 
_pdbx_struct_conn_angle.ptnr1_auth_comp_id 
_pdbx_struct_conn_angle.ptnr1_auth_seq_id 
_pdbx_struct_conn_angle.ptnr1_PDB_ins_code 
_pdbx_struct_conn_angle.ptnr1_symmetry 
_pdbx_struct_conn_angle.ptnr2_label_atom_id 
_pdbx_struct_conn_angle.ptnr2_label_alt_id 
_pdbx_struct_conn_angle.ptnr2_label_asym_id 
_pdbx_struct_conn_angle.ptnr2_label_comp_id 
_pdbx_struct_conn_angle.ptnr2_label_seq_id 
_pdbx_struct_conn_angle.ptnr2_auth_atom_id 
_pdbx_struct_conn_angle.ptnr2_auth_asym_id 
_pdbx_struct_conn_angle.ptnr2_auth_comp_id 
_pdbx_struct_conn_angle.ptnr2_auth_seq_id 
_pdbx_struct_conn_angle.ptnr2_PDB_ins_code 
_pdbx_struct_conn_angle.ptnr2_symmetry 
_pdbx_struct_conn_angle.ptnr3_label_atom_id 
_pdbx_struct_conn_angle.ptnr3_label_alt_id 
_pdbx_struct_conn_angle.ptnr3_label_asym_id 
_pdbx_struct_conn_angle.ptnr3_label_comp_id 
_pdbx_struct_conn_angle.ptnr3_label_seq_id 
_pdbx_struct_conn_angle.ptnr3_auth_atom_id 
_pdbx_struct_conn_angle.ptnr3_auth_asym_id 
_pdbx_struct_conn_angle.ptnr3_auth_comp_id 
_pdbx_struct_conn_angle.ptnr3_auth_seq_id 
_pdbx_struct_conn_angle.ptnr3_PDB_ins_code 
_pdbx_struct_conn_angle.ptnr3_symmetry 
_pdbx_struct_conn_angle.value 
_pdbx_struct_conn_angle.value_esd 
1  O ? D HOH . ? A HOH 102 ? 1_555 MG ? C MG . ? A MG 100 ? 1_555 O ? E HOH . ? B HOH 101 ? 1_555 84.7 ? 
2  O ? D HOH . ? A HOH 102 ? 1_555 MG ? C MG . ? A MG 100 ? 1_555 O ? E HOH . ? B HOH 101 ? 1_555 84.7 ? 
3  O ? E HOH . ? B HOH 101 ? 1_555 MG ? C MG . ? A MG 100 ? 1_555 O ? E HOH . ? B HOH 101 ? 1_555 0.0  ? 
4  O ? D HOH . ? A HOH 102 ? 1_555 MG ? C MG . ? A MG 100 ? 1_555 O ? E HOH . ? B HOH 103 ? 1_555 81.2 ? 
5  O ? E HOH . ? B HOH 101 ? 1_555 MG ? C MG . ? A MG 100 ? 1_555 O ? E HOH . ? B HOH 103 ? 1_555 97.9 ? 
6  O ? E HOH . ? B HOH 101 ? 1_555 MG ? C MG . ? A MG 100 ? 1_555 O ? E HOH . ? B HOH 103 ? 1_555 97.9 ? 
7  O ? D HOH . ? A HOH 102 ? 1_555 MG ? C MG . ? A MG 100 ? 1_555 O ? E HOH . ? B HOH 103 ? 1_555 81.2 ? 
8  O ? E HOH . ? B HOH 101 ? 1_555 MG ? C MG . ? A MG 100 ? 1_555 O ? E HOH . ? B HOH 103 ? 1_555 97.9 ? 
9  O ? E HOH . ? B HOH 101 ? 1_555 MG ? C MG . ? A MG 100 ? 1_555 O ? E HOH . ? B HOH 103 ? 1_555 97.9 ? 
10 O ? E HOH . ? B HOH 103 ? 1_555 MG ? C MG . ? A MG 100 ? 1_555 O ? E HOH . ? B HOH 103 ? 1_555 0.0  ? 
# 
_struct_site.id                   AC1 
_struct_site.pdbx_evidence_code   Software 
_struct_site.pdbx_auth_asym_id    A 
_struct_site.pdbx_auth_comp_id    MG 
_struct_site.pdbx_auth_seq_id     100 
_struct_site.pdbx_auth_ins_code   ? 
_struct_site.pdbx_num_residues    6 
_struct_site.details              'BINDING SITE FOR RESIDUE MG A 100' 
# 
loop_
_struct_site_gen.id 
_struct_site_gen.site_id 
_struct_site_gen.pdbx_num_res 
_struct_site_gen.label_comp_id 
_struct_site_gen.label_asym_id 
_struct_site_gen.label_seq_id 
_struct_site_gen.pdbx_auth_ins_code 
_struct_site_gen.auth_comp_id 
_struct_site_gen.auth_asym_id 
_struct_site_gen.auth_seq_id 
_struct_site_gen.label_atom_id 
_struct_site_gen.label_alt_id 
_struct_site_gen.symmetry 
_struct_site_gen.details 
1 AC1 6 HOH D . ? HOH A 102 . ? 1_555 ? 
2 AC1 6 HOH D . ? HOH A 102 . ? 2_656 ? 
3 AC1 6 HOH E . ? HOH B 101 . ? 2_656 ? 
4 AC1 6 HOH E . ? HOH B 101 . ? 1_555 ? 
5 AC1 6 HOH E . ? HOH B 103 . ? 1_555 ? 
6 AC1 6 HOH E . ? HOH B 103 . ? 2_656 ? 
# 
loop_
_pdbx_struct_mod_residue.id 
_pdbx_struct_mod_residue.label_asym_id 
_pdbx_struct_mod_residue.label_comp_id 
_pdbx_struct_mod_residue.label_seq_id 
_pdbx_struct_mod_residue.auth_asym_id 
_pdbx_struct_mod_residue.auth_comp_id 
_pdbx_struct_mod_residue.auth_seq_id 
_pdbx_struct_mod_residue.PDB_ins_code 
_pdbx_struct_mod_residue.parent_comp_id 
_pdbx_struct_mod_residue.details 
1  A C43 1  A C43 1  ? C ? 
2  A G48 2  A G48 2  ? G ? 
3  A C43 3  A C43 3  ? C ? 
4  A G48 4  A G48 4  ? G ? 
5  A A44 5  A A44 5  ? A ? 
6  A A44 6  A A44 6  ? A ? 
7  A U36 7  A U36 7  ? U ? 
8  A U36 8  A U36 8  ? U ? 
9  A C43 9  A C43 9  ? C ? 
10 A G48 10 A G48 10 ? G ? 
11 A C43 11 A C43 11 ? C ? 
12 A G48 12 A G48 12 ? G ? 
13 B C43 1  B C43 13 ? C ? 
14 B G48 2  B G48 14 ? G ? 
15 B C43 3  B C43 15 ? C ? 
16 B G48 4  B G48 16 ? G ? 
17 B A44 5  B A44 17 ? A ? 
18 B A44 6  B A44 18 ? A ? 
19 B U36 7  B U36 19 ? U ? 
20 B U36 8  B U36 20 ? U ? 
21 B C43 9  B C43 21 ? C ? 
22 B G48 10 B G48 22 ? G ? 
23 B C43 11 B C43 23 ? C ? 
24 B G48 12 B G48 24 ? G ? 
# 
loop_
_pdbx_struct_special_symmetry.id 
_pdbx_struct_special_symmetry.PDB_model_num 
_pdbx_struct_special_symmetry.auth_asym_id 
_pdbx_struct_special_symmetry.auth_comp_id 
_pdbx_struct_special_symmetry.auth_seq_id 
_pdbx_struct_special_symmetry.PDB_ins_code 
_pdbx_struct_special_symmetry.label_asym_id 
_pdbx_struct_special_symmetry.label_comp_id 
_pdbx_struct_special_symmetry.label_seq_id 
1 1 A MG  100 ? C MG  . 
2 1 A HOH 190 ? D HOH . 
3 1 B HOH 104 ? E HOH . 
# 
loop_
_chem_comp_atom.comp_id 
_chem_comp_atom.atom_id 
_chem_comp_atom.type_symbol 
_chem_comp_atom.pdbx_aromatic_flag 
_chem_comp_atom.pdbx_stereo_config 
_chem_comp_atom.pdbx_ordinal 
A44 P      P  N N 1   
A44 OP2    O  N N 2   
A44 OP1    O  N N 3   
A44 "O5'"  O  N N 4   
A44 "C5'"  C  N N 5   
A44 "C4'"  C  N R 6   
A44 "O4'"  O  N N 7   
A44 "C3'"  C  N R 8   
A44 "O3'"  O  N N 9   
A44 "C2'"  C  N R 10  
A44 "O2'"  O  N N 11  
A44 "C1'"  C  N R 12  
A44 N9     N  Y N 13  
A44 C8     C  Y N 14  
A44 N7     N  Y N 15  
A44 C5     C  Y N 16  
A44 C6     C  Y N 17  
A44 N6     N  N N 18  
A44 N1     N  Y N 19  
A44 C2     C  Y N 20  
A44 N3     N  Y N 21  
A44 C4     C  Y N 22  
A44 "CA'"  C  N N 23  
A44 "CD'"  C  N N 24  
A44 "OC'"  O  N N 25  
A44 "CB'"  C  N N 26  
A44 OP3    O  N N 27  
A44 HOP2   H  N N 28  
A44 "H5'"  H  N N 29  
A44 "H5''" H  N N 30  
A44 "H4'"  H  N N 31  
A44 "H3'"  H  N N 32  
A44 "HO3'" H  N N 33  
A44 "H2'"  H  N N 34  
A44 "H1'"  H  N N 35  
A44 H8     H  N N 36  
A44 H61    H  N N 37  
A44 H62    H  N N 38  
A44 H2     H  N N 39  
A44 HCA2   H  N N 40  
A44 HCA1   H  N N 41  
A44 HCD1   H  N N 42  
A44 HCD2   H  N N 43  
A44 HCD3   H  N N 44  
A44 HCB1   H  N N 45  
A44 HCB2   H  N N 46  
A44 HOP3   H  N N 47  
C43 P      P  N N 48  
C43 OP3    O  N N 49  
C43 OP2    O  N N 50  
C43 OP1    O  N N 51  
C43 "O5'"  O  N N 52  
C43 "C5'"  C  N N 53  
C43 "C4'"  C  N R 54  
C43 "O4'"  O  N N 55  
C43 "C3'"  C  N R 56  
C43 "O3'"  O  N N 57  
C43 "C2'"  C  N R 58  
C43 "O2'"  O  N N 59  
C43 "C1'"  C  N R 60  
C43 N1     N  N N 61  
C43 C2     C  N N 62  
C43 O2     O  N N 63  
C43 N3     N  N N 64  
C43 C4     C  N N 65  
C43 N4     N  N N 66  
C43 C5     C  N N 67  
C43 C6     C  N N 68  
C43 "CA'"  C  N N 69  
C43 "CB'"  C  N N 70  
C43 "CD'"  C  N N 71  
C43 "OC'"  O  N N 72  
C43 HOP3   H  N N 73  
C43 HOP2   H  N N 74  
C43 "H5'1" H  N N 75  
C43 "H5'2" H  N N 76  
C43 "H4'"  H  N N 77  
C43 "H3'"  H  N N 78  
C43 HA     H  N N 79  
C43 "H2'"  H  N N 80  
C43 "H1'"  H  N N 81  
C43 H4N1   H  N N 82  
C43 H4N2   H  N N 83  
C43 H5     H  N N 84  
C43 H6     H  N N 85  
C43 "HA'1" H  N N 86  
C43 "HA'2" H  N N 87  
C43 "HB'1" H  N N 88  
C43 "HB'2" H  N N 89  
C43 "HD'1" H  N N 90  
C43 "HD'2" H  N N 91  
C43 "HD'3" H  N N 92  
G48 P      P  N N 93  
G48 OP1    O  N N 94  
G48 OP3    O  N N 95  
G48 "O5'"  O  N N 96  
G48 "C5'"  C  N N 97  
G48 "C4'"  C  N R 98  
G48 "O4'"  O  N N 99  
G48 "C3'"  C  N R 100 
G48 "O3'"  O  N N 101 
G48 "C2'"  C  N R 102 
G48 "O2'"  O  N N 103 
G48 "C1'"  C  N R 104 
G48 N9     N  Y N 105 
G48 C8     C  Y N 106 
G48 N7     N  Y N 107 
G48 C5     C  Y N 108 
G48 C6     C  N N 109 
G48 O6     O  N N 110 
G48 N1     N  N N 111 
G48 C2     C  N N 112 
G48 N2     N  N N 113 
G48 N3     N  N N 114 
G48 C4     C  Y N 115 
G48 "CA'"  C  N N 116 
G48 "CB'"  C  N N 117 
G48 "OC'"  O  N N 118 
G48 "CD'"  C  N N 119 
G48 OP2    O  N N 120 
G48 HOP3   H  N N 121 
G48 "H5'"  H  N N 122 
G48 "H5''" H  N N 123 
G48 "H4'"  H  N N 124 
G48 "H3'"  H  N N 125 
G48 "HO3'" H  N N 126 
G48 "H2'"  H  N N 127 
G48 "H1'"  H  N N 128 
G48 H8     H  N N 129 
G48 H1     H  N N 130 
G48 H21    H  N N 131 
G48 H22    H  N N 132 
G48 HCA2   H  N N 133 
G48 HCA1   H  N N 134 
G48 HCB1   H  N N 135 
G48 HCB2   H  N N 136 
G48 HCD1   H  N N 137 
G48 HCD2   H  N N 138 
G48 HCD3   H  N N 139 
G48 HOP2   H  N N 140 
HOH O      O  N N 141 
HOH H1     H  N N 142 
HOH H2     H  N N 143 
MG  MG     MG N N 144 
U36 P      P  N N 145 
U36 OP1    O  N N 146 
U36 OP2    O  N N 147 
U36 OP3    O  N N 148 
U36 "O5'"  O  N N 149 
U36 "C5'"  C  N N 150 
U36 "C4'"  C  N R 151 
U36 "O4'"  O  N N 152 
U36 "C3'"  C  N R 153 
U36 "O3'"  O  N N 154 
U36 "C2'"  C  N R 155 
U36 "O2'"  O  N N 156 
U36 "C1'"  C  N R 157 
U36 N1     N  N N 158 
U36 C2     C  N N 159 
U36 O2     O  N N 160 
U36 N3     N  N N 161 
U36 C4     C  N N 162 
U36 O4     O  N N 163 
U36 C5     C  N N 164 
U36 C6     C  N N 165 
U36 "CA'"  C  N N 166 
U36 "CB'"  C  N N 167 
U36 "CD'"  C  N N 168 
U36 "OC'"  O  N N 169 
U36 HOP2   H  N N 170 
U36 HOP3   H  N N 171 
U36 "H5'1" H  N N 172 
U36 "H5'2" H  N N 173 
U36 "H4'"  H  N N 174 
U36 "H3'"  H  N N 175 
U36 HA     H  N N 176 
U36 "H2'"  H  N N 177 
U36 "H1'"  H  N N 178 
U36 H3     H  N N 179 
U36 H5     H  N N 180 
U36 H6     H  N N 181 
U36 "HA'1" H  N N 182 
U36 "HA'2" H  N N 183 
U36 "HB'1" H  N N 184 
U36 "HB'2" H  N N 185 
U36 "HD'1" H  N N 186 
U36 "HD'2" H  N N 187 
U36 "HD'3" H  N N 188 
# 
loop_
_chem_comp_bond.comp_id 
_chem_comp_bond.atom_id_1 
_chem_comp_bond.atom_id_2 
_chem_comp_bond.value_order 
_chem_comp_bond.pdbx_aromatic_flag 
_chem_comp_bond.pdbx_stereo_config 
_chem_comp_bond.pdbx_ordinal 
A44 C2    N1     doub Y N 1   
A44 C2    N3     sing Y N 2   
A44 N1    C6     sing Y N 3   
A44 "CB'" "CA'"  sing N N 4   
A44 "CB'" "OC'"  sing N N 5   
A44 N3    C4     doub Y N 6   
A44 C6    N6     sing N N 7   
A44 C6    C5     doub Y N 8   
A44 "CD'" "OC'"  sing N N 9   
A44 "CA'" "O2'"  sing N N 10  
A44 C4    C5     sing Y N 11  
A44 C4    N9     sing Y N 12  
A44 C5    N7     sing Y N 13  
A44 "O2'" "C2'"  sing N N 14  
A44 "C2'" "C1'"  sing N N 15  
A44 "C2'" "C3'"  sing N N 16  
A44 N9    "C1'"  sing N N 17  
A44 N9    C8     sing Y N 18  
A44 N7    C8     doub Y N 19  
A44 "C1'" "O4'"  sing N N 20  
A44 "O3'" "C3'"  sing N N 21  
A44 "C3'" "C4'"  sing N N 22  
A44 "O4'" "C4'"  sing N N 23  
A44 "C4'" "C5'"  sing N N 24  
A44 "O5'" "C5'"  sing N N 25  
A44 "O5'" P      sing N N 26  
A44 OP1   P      doub N N 27  
A44 P     OP2    sing N N 28  
A44 P     OP3    sing N N 29  
A44 OP2   HOP2   sing N N 30  
A44 "C5'" "H5'"  sing N N 31  
A44 "C5'" "H5''" sing N N 32  
A44 "C4'" "H4'"  sing N N 33  
A44 "C3'" "H3'"  sing N N 34  
A44 "O3'" "HO3'" sing N N 35  
A44 "C2'" "H2'"  sing N N 36  
A44 "C1'" "H1'"  sing N N 37  
A44 C8    H8     sing N N 38  
A44 N6    H61    sing N N 39  
A44 N6    H62    sing N N 40  
A44 C2    H2     sing N N 41  
A44 "CA'" HCA2   sing N N 42  
A44 "CA'" HCA1   sing N N 43  
A44 "CD'" HCD1   sing N N 44  
A44 "CD'" HCD2   sing N N 45  
A44 "CD'" HCD3   sing N N 46  
A44 "CB'" HCB1   sing N N 47  
A44 "CB'" HCB2   sing N N 48  
A44 OP3   HOP3   sing N N 49  
C43 P     OP3    sing N N 50  
C43 P     OP2    sing N N 51  
C43 P     OP1    doub N N 52  
C43 P     "O5'"  sing N N 53  
C43 OP3   HOP3   sing N N 54  
C43 OP2   HOP2   sing N N 55  
C43 "O5'" "C5'"  sing N N 56  
C43 "C5'" "C4'"  sing N N 57  
C43 "C5'" "H5'1" sing N N 58  
C43 "C5'" "H5'2" sing N N 59  
C43 "C4'" "O4'"  sing N N 60  
C43 "C4'" "C3'"  sing N N 61  
C43 "C4'" "H4'"  sing N N 62  
C43 "O4'" "C1'"  sing N N 63  
C43 "C3'" "O3'"  sing N N 64  
C43 "C3'" "C2'"  sing N N 65  
C43 "C3'" "H3'"  sing N N 66  
C43 "O3'" HA     sing N N 67  
C43 "C2'" "O2'"  sing N N 68  
C43 "C2'" "C1'"  sing N N 69  
C43 "C2'" "H2'"  sing N N 70  
C43 "O2'" "CA'"  sing N N 71  
C43 "C1'" N1     sing N N 72  
C43 "C1'" "H1'"  sing N N 73  
C43 N1    C2     sing N N 74  
C43 N1    C6     sing N N 75  
C43 C2    O2     doub N N 76  
C43 C2    N3     sing N N 77  
C43 N3    C4     doub N N 78  
C43 C4    N4     sing N N 79  
C43 C4    C5     sing N N 80  
C43 N4    H4N1   sing N N 81  
C43 N4    H4N2   sing N N 82  
C43 C5    C6     doub N N 83  
C43 C5    H5     sing N N 84  
C43 C6    H6     sing N N 85  
C43 "CA'" "CB'"  sing N N 86  
C43 "CA'" "HA'1" sing N N 87  
C43 "CA'" "HA'2" sing N N 88  
C43 "CB'" "OC'"  sing N N 89  
C43 "CB'" "HB'1" sing N N 90  
C43 "CB'" "HB'2" sing N N 91  
C43 "CD'" "OC'"  sing N N 92  
C43 "CD'" "HD'1" sing N N 93  
C43 "CD'" "HD'2" sing N N 94  
C43 "CD'" "HD'3" sing N N 95  
G48 OP1   P      doub N N 96  
G48 P     "O5'"  sing N N 97  
G48 P     OP3    sing N N 98  
G48 "C5'" "O5'"  sing N N 99  
G48 "C5'" "C4'"  sing N N 100 
G48 "C4'" "O4'"  sing N N 101 
G48 "C4'" "C3'"  sing N N 102 
G48 "O4'" "C1'"  sing N N 103 
G48 "O3'" "C3'"  sing N N 104 
G48 "C3'" "C2'"  sing N N 105 
G48 "C1'" "C2'"  sing N N 106 
G48 "C1'" N9     sing N N 107 
G48 "O2'" "C2'"  sing N N 108 
G48 "O2'" "CA'"  sing N N 109 
G48 "CD'" "OC'"  sing N N 110 
G48 C8    N9     sing Y N 111 
G48 C8    N7     doub Y N 112 
G48 "CB'" "OC'"  sing N N 113 
G48 "CB'" "CA'"  sing N N 114 
G48 N9    C4     sing Y N 115 
G48 N7    C5     sing Y N 116 
G48 C4    C5     doub Y N 117 
G48 C4    N3     sing N N 118 
G48 C5    C6     sing N N 119 
G48 N3    C2     doub N N 120 
G48 C6    O6     doub N N 121 
G48 C6    N1     sing N N 122 
G48 C2    N1     sing N N 123 
G48 C2    N2     sing N N 124 
G48 P     OP2    sing N N 125 
G48 OP3   HOP3   sing N N 126 
G48 "C5'" "H5'"  sing N N 127 
G48 "C5'" "H5''" sing N N 128 
G48 "C4'" "H4'"  sing N N 129 
G48 "C3'" "H3'"  sing N N 130 
G48 "O3'" "HO3'" sing N N 131 
G48 "C2'" "H2'"  sing N N 132 
G48 "C1'" "H1'"  sing N N 133 
G48 C8    H8     sing N N 134 
G48 N1    H1     sing N N 135 
G48 N2    H21    sing N N 136 
G48 N2    H22    sing N N 137 
G48 "CA'" HCA2   sing N N 138 
G48 "CA'" HCA1   sing N N 139 
G48 "CB'" HCB1   sing N N 140 
G48 "CB'" HCB2   sing N N 141 
G48 "CD'" HCD1   sing N N 142 
G48 "CD'" HCD2   sing N N 143 
G48 "CD'" HCD3   sing N N 144 
G48 OP2   HOP2   sing N N 145 
HOH O     H1     sing N N 146 
HOH O     H2     sing N N 147 
U36 P     OP1    doub N N 148 
U36 P     OP2    sing N N 149 
U36 P     OP3    sing N N 150 
U36 P     "O5'"  sing N N 151 
U36 OP2   HOP2   sing N N 152 
U36 OP3   HOP3   sing N N 153 
U36 "O5'" "C5'"  sing N N 154 
U36 "C5'" "C4'"  sing N N 155 
U36 "C5'" "H5'1" sing N N 156 
U36 "C5'" "H5'2" sing N N 157 
U36 "C4'" "O4'"  sing N N 158 
U36 "C4'" "C3'"  sing N N 159 
U36 "C4'" "H4'"  sing N N 160 
U36 "O4'" "C1'"  sing N N 161 
U36 "C3'" "O3'"  sing N N 162 
U36 "C3'" "C2'"  sing N N 163 
U36 "C3'" "H3'"  sing N N 164 
U36 "O3'" HA     sing N N 165 
U36 "C2'" "O2'"  sing N N 166 
U36 "C2'" "C1'"  sing N N 167 
U36 "C2'" "H2'"  sing N N 168 
U36 "O2'" "CA'"  sing N N 169 
U36 "C1'" N1     sing N N 170 
U36 "C1'" "H1'"  sing N N 171 
U36 N1    C2     sing N N 172 
U36 N1    C6     sing N N 173 
U36 C2    O2     doub N N 174 
U36 C2    N3     sing N N 175 
U36 N3    C4     sing N N 176 
U36 N3    H3     sing N N 177 
U36 C4    O4     doub N N 178 
U36 C4    C5     sing N N 179 
U36 C5    C6     doub N N 180 
U36 C5    H5     sing N N 181 
U36 C6    H6     sing N N 182 
U36 "CA'" "CB'"  sing N N 183 
U36 "CA'" "HA'1" sing N N 184 
U36 "CA'" "HA'2" sing N N 185 
U36 "CB'" "OC'"  sing N N 186 
U36 "CB'" "HB'1" sing N N 187 
U36 "CB'" "HB'2" sing N N 188 
U36 "CD'" "OC'"  sing N N 189 
U36 "CD'" "HD'1" sing N N 190 
U36 "CD'" "HD'2" sing N N 191 
U36 "CD'" "HD'3" sing N N 192 
# 
_ndb_struct_conf_na.entry_id   469D 
_ndb_struct_conf_na.feature    'a-form double helix' 
# 
loop_
_ndb_struct_na_base_pair.model_number 
_ndb_struct_na_base_pair.i_label_asym_id 
_ndb_struct_na_base_pair.i_label_comp_id 
_ndb_struct_na_base_pair.i_label_seq_id 
_ndb_struct_na_base_pair.i_symmetry 
_ndb_struct_na_base_pair.j_label_asym_id 
_ndb_struct_na_base_pair.j_label_comp_id 
_ndb_struct_na_base_pair.j_label_seq_id 
_ndb_struct_na_base_pair.j_symmetry 
_ndb_struct_na_base_pair.shear 
_ndb_struct_na_base_pair.stretch 
_ndb_struct_na_base_pair.stagger 
_ndb_struct_na_base_pair.buckle 
_ndb_struct_na_base_pair.propeller 
_ndb_struct_na_base_pair.opening 
_ndb_struct_na_base_pair.pair_number 
_ndb_struct_na_base_pair.pair_name 
_ndb_struct_na_base_pair.i_auth_asym_id 
_ndb_struct_na_base_pair.i_auth_seq_id 
_ndb_struct_na_base_pair.i_PDB_ins_code 
_ndb_struct_na_base_pair.j_auth_asym_id 
_ndb_struct_na_base_pair.j_auth_seq_id 
_ndb_struct_na_base_pair.j_PDB_ins_code 
_ndb_struct_na_base_pair.hbond_type_28 
_ndb_struct_na_base_pair.hbond_type_12 
1 A C43 1  1_555 B G48 12 1_555 0.363  -0.134 0.192  5.104   -12.702 1.484  1  A_C431:G4824_B  A 1  ? B 24 ? 19 1 
1 A G48 2  1_555 B C43 11 1_555 -0.332 -0.273 0.201  0.833   -13.443 2.087  2  A_G482:C4323_B  A 2  ? B 23 ? 19 1 
1 A C43 3  1_555 B G48 10 1_555 0.381  -0.059 0.150  -4.430  -10.601 2.979  3  A_C433:G4822_B  A 3  ? B 22 ? 19 1 
1 A G48 4  1_555 B C43 9  1_555 -0.380 -0.038 -0.204 -8.517  -19.430 3.931  4  A_G484:C4321_B  A 4  ? B 21 ? 19 1 
1 A A44 5  1_555 B U36 8  1_555 -0.050 -0.193 -0.275 -12.233 -5.894  -0.909 5  A_A445:U3620_B  A 5  ? B 20 ? 20 1 
1 A A44 6  1_555 B U36 7  1_555 0.369  -0.110 -0.101 -1.534  -7.153  0.738  6  A_A446:U3619_B  A 6  ? B 19 ? 20 1 
1 A U36 7  1_555 B A44 6  1_555 -0.065 -0.194 0.110  1.319   -13.791 6.688  7  A_U367:A4418_B  A 7  ? B 18 ? 20 1 
1 A U36 8  1_555 B A44 5  1_555 -0.135 -0.132 -0.136 9.325   -6.788  1.589  8  A_U368:A4417_B  A 8  ? B 17 ? 20 1 
1 A C43 9  1_555 B G48 4  1_555 0.383  -0.064 0.007  2.655   -13.814 2.546  9  A_C439:G4816_B  A 9  ? B 16 ? 19 1 
1 A G48 10 1_555 B C43 3  1_555 -0.226 -0.171 0.123  -0.873  -11.055 -0.458 10 A_G4810:C4315_B A 10 ? B 15 ? 19 1 
1 A C43 11 1_555 B G48 2  1_555 0.580  -0.220 -0.016 0.682   -13.518 1.265  11 A_C4311:G4814_B A 11 ? B 14 ? 19 1 
1 A G48 12 1_555 B C43 1  1_555 -0.376 -0.164 0.264  -2.413  -21.131 0.797  12 A_G4812:C4313_B A 12 ? B 13 ? 19 1 
# 
loop_
_ndb_struct_na_base_pair_step.model_number 
_ndb_struct_na_base_pair_step.i_label_asym_id_1 
_ndb_struct_na_base_pair_step.i_label_comp_id_1 
_ndb_struct_na_base_pair_step.i_label_seq_id_1 
_ndb_struct_na_base_pair_step.i_symmetry_1 
_ndb_struct_na_base_pair_step.j_label_asym_id_1 
_ndb_struct_na_base_pair_step.j_label_comp_id_1 
_ndb_struct_na_base_pair_step.j_label_seq_id_1 
_ndb_struct_na_base_pair_step.j_symmetry_1 
_ndb_struct_na_base_pair_step.i_label_asym_id_2 
_ndb_struct_na_base_pair_step.i_label_comp_id_2 
_ndb_struct_na_base_pair_step.i_label_seq_id_2 
_ndb_struct_na_base_pair_step.i_symmetry_2 
_ndb_struct_na_base_pair_step.j_label_asym_id_2 
_ndb_struct_na_base_pair_step.j_label_comp_id_2 
_ndb_struct_na_base_pair_step.j_label_seq_id_2 
_ndb_struct_na_base_pair_step.j_symmetry_2 
_ndb_struct_na_base_pair_step.shift 
_ndb_struct_na_base_pair_step.slide 
_ndb_struct_na_base_pair_step.rise 
_ndb_struct_na_base_pair_step.tilt 
_ndb_struct_na_base_pair_step.roll 
_ndb_struct_na_base_pair_step.twist 
_ndb_struct_na_base_pair_step.x_displacement 
_ndb_struct_na_base_pair_step.y_displacement 
_ndb_struct_na_base_pair_step.helical_rise 
_ndb_struct_na_base_pair_step.inclination 
_ndb_struct_na_base_pair_step.tip 
_ndb_struct_na_base_pair_step.helical_twist 
_ndb_struct_na_base_pair_step.step_number 
_ndb_struct_na_base_pair_step.step_name 
_ndb_struct_na_base_pair_step.i_auth_asym_id_1 
_ndb_struct_na_base_pair_step.i_auth_seq_id_1 
_ndb_struct_na_base_pair_step.i_PDB_ins_code_1 
_ndb_struct_na_base_pair_step.j_auth_asym_id_1 
_ndb_struct_na_base_pair_step.j_auth_seq_id_1 
_ndb_struct_na_base_pair_step.j_PDB_ins_code_1 
_ndb_struct_na_base_pair_step.i_auth_asym_id_2 
_ndb_struct_na_base_pair_step.i_auth_seq_id_2 
_ndb_struct_na_base_pair_step.i_PDB_ins_code_2 
_ndb_struct_na_base_pair_step.j_auth_asym_id_2 
_ndb_struct_na_base_pair_step.j_auth_seq_id_2 
_ndb_struct_na_base_pair_step.j_PDB_ins_code_2 
1 A C43 1  1_555 B G48 12 1_555 A G48 2  1_555 B C43 11 1_555 -0.746 -2.071 2.904 -2.765 17.087 29.773 -5.483 0.944  1.579 30.253 
4.896  34.340 1  AA_C431G482:C4323G4824_BB   A 1  ? B 24 ? A 2  ? B 23 ? 
1 A G48 2  1_555 B C43 11 1_555 A C43 3  1_555 B G48 10 1_555 -0.273 -1.366 3.378 -2.730 9.048  34.844 -3.471 0.060  2.955 14.776 
4.459  36.065 2  AA_G482C433:G4822C4323_BB   A 2  ? B 23 ? A 3  ? B 22 ? 
1 A C43 3  1_555 B G48 10 1_555 A G48 4  1_555 B C43 9  1_555 0.286  -1.840 3.190 2.861  15.824 25.218 -6.294 -0.064 1.772 32.382 
-5.855 29.838 3  AA_C433G484:C4321G4822_BB   A 3  ? B 22 ? A 4  ? B 21 ? 
1 A G48 4  1_555 B C43 9  1_555 A A44 5  1_555 B U36 8  1_555 -0.180 -1.711 3.278 -1.593 15.254 32.672 -4.710 0.088  2.286 25.442 
2.657  36.004 4  AA_G484A445:U3620C4321_BB   A 4  ? B 21 ? A 5  ? B 20 ? 
1 A A44 5  1_555 B U36 8  1_555 A A44 6  1_555 B U36 7  1_555 -0.087 -1.705 3.114 0.046  9.115  28.507 -4.955 0.176  2.463 17.939 
-0.091 29.900 5  AA_A445A446:U3619U3620_BB   A 5  ? B 20 ? A 6  ? B 19 ? 
1 A A44 6  1_555 B U36 7  1_555 A U36 7  1_555 B A44 6  1_555 0.367  -1.077 3.267 -0.548 12.182 25.754 -4.783 -0.863 2.502 25.583 
1.152  28.450 6  AA_A446U367:A4418U3619_BB   A 6  ? B 19 ? A 7  ? B 18 ? 
1 A U36 7  1_555 B A44 6  1_555 A U36 8  1_555 B A44 5  1_555 -0.698 -1.433 3.021 -1.111 11.866 30.328 -4.319 1.080  2.334 21.659 
2.029  32.534 7  AA_U367U368:A4417A4418_BB   A 7  ? B 18 ? A 8  ? B 17 ? 
1 A U36 8  1_555 B A44 5  1_555 A C43 9  1_555 B G48 4  1_555 0.237  -1.954 3.419 -0.092 16.298 31.664 -5.371 -0.401 2.184 27.693 
0.156  35.517 8  AA_U368C439:G4816A4417_BB   A 8  ? B 17 ? A 9  ? B 16 ? 
1 A C43 9  1_555 B G48 4  1_555 A G48 10 1_555 B C43 3  1_555 -0.179 -1.701 3.136 -0.292 13.670 28.165 -5.350 0.286  2.106 26.225 
0.560  31.248 9  AA_C439G4810:C4315G4816_BB  A 9  ? B 16 ? A 10 ? B 15 ? 
1 A G48 10 1_555 B C43 3  1_555 A C43 11 1_555 B G48 2  1_555 0.320  -1.387 3.221 3.125  8.799  33.332 -3.606 -0.086 2.793 14.977 
-5.320 34.580 10 AA_G4810C4311:G4814C4315_BB A 10 ? B 15 ? A 11 ? B 14 ? 
1 A C43 11 1_555 B G48 2  1_555 A G48 12 1_555 B C43 1  1_555 0.652  -1.749 3.043 2.190  13.867 29.959 -5.020 -0.841 2.092 25.160 
-3.973 33.017 11 AA_C4311G4812:C4313G4814_BB A 11 ? B 14 ? A 12 ? B 13 ? 
# 
_atom_sites.entry_id                    469D 
_atom_sites.fract_transf_matrix[1][1]   -0.02115914 
_atom_sites.fract_transf_matrix[1][2]   0.00568185 
_atom_sites.fract_transf_matrix[1][3]   0.01049627 
_atom_sites.fract_transf_matrix[2][1]   -0.00712082 
_atom_sites.fract_transf_matrix[2][2]   0.01611662 
_atom_sites.fract_transf_matrix[2][3]   -0.02307895 
_atom_sites.fract_transf_matrix[3][1]   -0.00991462 
_atom_sites.fract_transf_matrix[3][2]   -0.01691249 
_atom_sites.fract_transf_matrix[3][3]   -0.00875135 
_atom_sites.fract_transf_vector[1]      0.444324 
_atom_sites.fract_transf_vector[2]      -0.001620 
_atom_sites.fract_transf_vector[3]      0.265827 
# 
loop_
_atom_type.symbol 
C  
MG 
N  
O  
P  
# 
loop_
_atom_site.group_PDB 
_atom_site.id 
_atom_site.type_symbol 
_atom_site.label_atom_id 
_atom_site.label_alt_id 
_atom_site.label_comp_id 
_atom_site.label_asym_id 
_atom_site.label_entity_id 
_atom_site.label_seq_id 
_atom_site.pdbx_PDB_ins_code 
_atom_site.Cartn_x 
_atom_site.Cartn_y 
_atom_site.Cartn_z 
_atom_site.occupancy 
_atom_site.B_iso_or_equiv 
_atom_site.pdbx_formal_charge 
_atom_site.auth_seq_id 
_atom_site.auth_comp_id 
_atom_site.auth_asym_id 
_atom_site.auth_atom_id 
_atom_site.pdbx_PDB_model_num 
HETATM 1   O  "O5'" . C43 A 1 1  ? -1.209  3.948   -10.219 1.00 40.00 ? 1   C43 A "O5'" 1 
HETATM 2   C  "C5'" . C43 A 1 1  ? -2.436  3.814   -10.902 1.00 20.92 ? 1   C43 A "C5'" 1 
HETATM 3   C  "C4'" . C43 A 1 1  ? -2.403  2.575   -11.761 1.00 35.41 ? 1   C43 A "C4'" 1 
HETATM 4   O  "O4'" . C43 A 1 1  ? -1.229  2.622   -12.613 1.00 25.33 ? 1   C43 A "O4'" 1 
HETATM 5   C  "C3'" . C43 A 1 1  ? -2.279  1.237   -11.040 1.00 40.00 ? 1   C43 A "C3'" 1 
HETATM 6   O  "O3'" . C43 A 1 1  ? -3.523  0.751   -10.547 1.00 26.06 ? 1   C43 A "O3'" 1 
HETATM 7   C  "C2'" . C43 A 1 1  ? -1.703  0.349   -12.133 1.00 25.56 ? 1   C43 A "C2'" 1 
HETATM 8   O  "O2'" . C43 A 1 1  ? -2.695  -0.027  -13.077 1.00 28.27 ? 1   C43 A "O2'" 1 
HETATM 9   C  "C1'" . C43 A 1 1  ? -0.738  1.313   -12.810 1.00 21.41 ? 1   C43 A "C1'" 1 
HETATM 10  N  N1    . C43 A 1 1  ? 0.582   1.214   -12.189 1.00 18.38 ? 1   C43 A N1    1 
HETATM 11  C  C2    . C43 A 1 1  ? 1.358   0.101   -12.486 1.00 20.44 ? 1   C43 A C2    1 
HETATM 12  O  O2    . C43 A 1 1  ? 0.888   -0.771  -13.224 1.00 22.77 ? 1   C43 A O2    1 
HETATM 13  N  N3    . C43 A 1 1  ? 2.601   -0.007  -11.963 1.00 23.19 ? 1   C43 A N3    1 
HETATM 14  C  C4    . C43 A 1 1  ? 3.071   0.950   -11.157 1.00 25.25 ? 1   C43 A C4    1 
HETATM 15  N  N4    . C43 A 1 1  ? 4.318   0.810   -10.684 1.00 21.93 ? 1   C43 A N4    1 
HETATM 16  C  C5    . C43 A 1 1  ? 2.286   2.093   -10.804 1.00 24.17 ? 1   C43 A C5    1 
HETATM 17  C  C6    . C43 A 1 1  ? 1.056   2.182   -11.344 1.00 27.35 ? 1   C43 A C6    1 
HETATM 18  C  "CA'" . C43 A 1 1  ? -2.261  -0.780  -14.223 1.00 29.49 ? 1   C43 A "CA'" 1 
HETATM 19  C  "CB'" . C43 A 1 1  ? -3.417  -1.305  -15.046 1.00 33.30 ? 1   C43 A "CB'" 1 
HETATM 20  C  "CD'" . C43 A 1 1  ? -4.682  -3.398  -15.134 1.00 40.00 ? 1   C43 A "CD'" 1 
HETATM 21  O  "OC'" . C43 A 1 1  ? -4.197  -2.295  -14.305 1.00 40.00 ? 1   C43 A "OC'" 1 
HETATM 22  P  P     . G48 A 1 2  ? -3.555  -0.181  -9.233  1.00 26.80 ? 2   G48 A P     1 
HETATM 23  O  OP1   . G48 A 1 2  ? -4.998  -0.314  -8.851  1.00 40.00 ? 2   G48 A OP1   1 
HETATM 24  O  "O5'" . G48 A 1 2  ? -3.043  -1.587  -9.770  1.00 24.12 ? 2   G48 A "O5'" 1 
HETATM 25  C  "C5'" . G48 A 1 2  ? -3.781  -2.296  -10.768 1.00 29.68 ? 2   G48 A "C5'" 1 
HETATM 26  C  "C4'" . G48 A 1 2  ? -3.164  -3.646  -11.005 1.00 21.27 ? 2   G48 A "C4'" 1 
HETATM 27  O  "O4'" . G48 A 1 2  ? -1.913  -3.490  -11.714 1.00 36.01 ? 2   G48 A "O4'" 1 
HETATM 28  C  "C3'" . G48 A 1 2  ? -2.789  -4.435  -9.764  1.00 25.26 ? 2   G48 A "C3'" 1 
HETATM 29  O  "O3'" . G48 A 1 2  ? -3.907  -5.101  -9.212  1.00 18.53 ? 2   G48 A "O3'" 1 
HETATM 30  C  "C2'" . G48 A 1 2  ? -1.718  -5.385  -10.293 1.00 22.85 ? 2   G48 A "C2'" 1 
HETATM 31  O  "O2'" . G48 A 1 2  ? -2.315  -6.472  -10.979 1.00 24.17 ? 2   G48 A "O2'" 1 
HETATM 32  C  "C1'" . G48 A 1 2  ? -0.994  -4.479  -11.285 1.00 17.09 ? 2   G48 A "C1'" 1 
HETATM 33  N  N9    . G48 A 1 2  ? 0.144   -3.784  -10.701 1.00 22.17 ? 2   G48 A N9    1 
HETATM 34  C  C8    . G48 A 1 2  ? 0.195   -2.470  -10.281 1.00 19.12 ? 2   G48 A C8    1 
HETATM 35  N  N7    . G48 A 1 2  ? 1.383   -2.112  -9.875  1.00 18.55 ? 2   G48 A N7    1 
HETATM 36  C  C5    . G48 A 1 2  ? 2.156   -3.259  -10.018 1.00 20.89 ? 2   G48 A C5    1 
HETATM 37  C  C6    . G48 A 1 2  ? 3.533   -3.490  -9.751  1.00 19.21 ? 2   G48 A C6    1 
HETATM 38  O  O6    . G48 A 1 2  ? 4.384   -2.701  -9.362  1.00 23.40 ? 2   G48 A O6    1 
HETATM 39  N  N1    . G48 A 1 2  ? 3.895   -4.804  -10.007 1.00 22.87 ? 2   G48 A N1    1 
HETATM 40  C  C2    . G48 A 1 2  ? 3.060   -5.780  -10.482 1.00 20.69 ? 2   G48 A C2    1 
HETATM 41  N  N2    . G48 A 1 2  ? 3.618   -7.003  -10.667 1.00 19.45 ? 2   G48 A N2    1 
HETATM 42  N  N3    . G48 A 1 2  ? 1.779   -5.578  -10.756 1.00 18.20 ? 2   G48 A N3    1 
HETATM 43  C  C4    . G48 A 1 2  ? 1.398   -4.307  -10.500 1.00 27.58 ? 2   G48 A C4    1 
HETATM 44  C  "CA'" . G48 A 1 2  ? -1.553  -7.417  -11.728 1.00 25.52 ? 2   G48 A "CA'" 1 
HETATM 45  C  "CB'" . G48 A 1 2  ? -2.543  -8.400  -12.294 1.00 23.73 ? 2   G48 A "CB'" 1 
HETATM 46  O  "OC'" . G48 A 1 2  ? -3.166  -7.894  -13.502 1.00 29.12 ? 2   G48 A "OC'" 1 
HETATM 47  C  "CD'" . G48 A 1 2  ? -4.313  -8.701  -13.922 1.00 31.58 ? 2   G48 A "CD'" 1 
HETATM 48  O  OP2   . G48 A 1 2  ? -2.582  0.297   -8.225  1.00 33.34 ? 2   G48 A OP2   1 
HETATM 49  P  P     . C43 A 1 3  ? -3.958  -5.389  -7.639  1.00 23.11 ? 3   C43 A P     1 
HETATM 50  O  OP2   . C43 A 1 3  ? -3.582  -4.157  -6.922  1.00 31.08 ? 3   C43 A OP2   1 
HETATM 51  O  OP1   . C43 A 1 3  ? -5.259  -6.040  -7.338  1.00 30.44 ? 3   C43 A OP1   1 
HETATM 52  O  "O5'" . C43 A 1 3  ? -2.809  -6.466  -7.405  1.00 22.45 ? 3   C43 A "O5'" 1 
HETATM 53  C  "C5'" . C43 A 1 3  ? -2.927  -7.800  -7.912  1.00 19.22 ? 3   C43 A "C5'" 1 
HETATM 54  C  "C4'" . C43 A 1 3  ? -1.687  -8.580  -7.570  1.00 20.31 ? 3   C43 A "C4'" 1 
HETATM 55  O  "O4'" . C43 A 1 3  ? -0.566  -8.118  -8.379  1.00 21.73 ? 3   C43 A "O4'" 1 
HETATM 56  C  "C3'" . C43 A 1 3  ? -1.170  -8.433  -6.148  1.00 22.31 ? 3   C43 A "C3'" 1 
HETATM 57  O  "O3'" . C43 A 1 3  ? -1.882  -9.196  -5.180  1.00 26.03 ? 3   C43 A "O3'" 1 
HETATM 58  C  "C2'" . C43 A 1 3  ? 0.284   -8.868  -6.303  1.00 19.48 ? 3   C43 A "C2'" 1 
HETATM 59  O  "O2'" . C43 A 1 3  ? 0.391   -10.269 -6.415  1.00 18.80 ? 3   C43 A "O2'" 1 
HETATM 60  C  "C1'" . C43 A 1 3  ? 0.641   -8.236  -7.642  1.00 18.43 ? 3   C43 A "C1'" 1 
HETATM 61  N  N1    . C43 A 1 3  ? 1.209   -6.890  -7.405  1.00 21.50 ? 3   C43 A N1    1 
HETATM 62  C  C2    . C43 A 1 3  ? 2.567   -6.789  -7.041  1.00 25.62 ? 3   C43 A C2    1 
HETATM 63  O  O2    . C43 A 1 3  ? 3.245   -7.825  -6.931  1.00 19.55 ? 3   C43 A O2    1 
HETATM 64  N  N3    . C43 A 1 3  ? 3.104   -5.565  -6.797  1.00 14.95 ? 3   C43 A N3    1 
HETATM 65  C  C4    . C43 A 1 3  ? 2.337   -4.471  -6.882  1.00 17.50 ? 3   C43 A C4    1 
HETATM 66  N  N4    . C43 A 1 3  ? 2.912   -3.284  -6.596  1.00 23.64 ? 3   C43 A N4    1 
HETATM 67  C  C5    . C43 A 1 3  ? 0.953   -4.540  -7.250  1.00 21.05 ? 3   C43 A C5    1 
HETATM 68  C  C6    . C43 A 1 3  ? 0.439   -5.760  -7.508  1.00 19.27 ? 3   C43 A C6    1 
HETATM 69  C  "CA'" . C43 A 1 3  ? 1.687   -10.827 -6.447  1.00 21.58 ? 3   C43 A "CA'" 1 
HETATM 70  C  "CB'" . C43 A 1 3  ? 1.562   -12.240 -5.976  1.00 16.22 ? 3   C43 A "CB'" 1 
HETATM 71  C  "CD'" . C43 A 1 3  ? 3.845   -12.166 -5.110  1.00 33.69 ? 3   C43 A "CD'" 1 
HETATM 72  O  "OC'" . C43 A 1 3  ? 2.861   -12.883 -5.923  1.00 40.00 ? 3   C43 A "OC'" 1 
HETATM 73  P  P     . G48 A 1 4  ? -1.989  -8.647  -3.663  1.00 19.63 ? 4   G48 A P     1 
HETATM 74  O  OP1   . G48 A 1 4  ? -2.944  -9.555  -2.971  1.00 26.66 ? 4   G48 A OP1   1 
HETATM 75  O  "O5'" . G48 A 1 4  ? -0.540  -8.880  -3.056  1.00 18.19 ? 4   G48 A "O5'" 1 
HETATM 76  C  "C5'" . G48 A 1 4  ? 0.003   -10.192 -2.992  1.00 22.28 ? 4   G48 A "C5'" 1 
HETATM 77  C  "C4'" . G48 A 1 4  ? 1.451   -10.137 -2.598  1.00 33.23 ? 4   G48 A "C4'" 1 
HETATM 78  O  "O4'" . G48 A 1 4  ? 2.230   -9.482  -3.637  1.00 25.36 ? 4   G48 A "O4'" 1 
HETATM 79  C  "C3'" . G48 A 1 4  ? 1.787   -9.320  -1.364  1.00 26.78 ? 4   G48 A "C3'" 1 
HETATM 80  O  "O3'" . G48 A 1 4  ? 1.505   -9.966  -0.143  1.00 24.55 ? 4   G48 A "O3'" 1 
HETATM 81  C  "C2'" . G48 A 1 4  ? 3.280   -9.092  -1.544  1.00 27.93 ? 4   G48 A "C2'" 1 
HETATM 82  O  "O2'" . G48 A 1 4  ? 4.015   -10.243 -1.180  1.00 21.37 ? 4   G48 A "O2'" 1 
HETATM 83  C  "C1'" . G48 A 1 4  ? 3.362   -8.857  -3.046  1.00 16.91 ? 4   G48 A "C1'" 1 
HETATM 84  N  N9    . G48 A 1 4  ? 3.295   -7.419  -3.266  1.00 21.05 ? 4   G48 A N9    1 
HETATM 85  C  C8    . G48 A 1 4  ? 2.213   -6.644  -3.625  1.00 11.70 ? 4   G48 A C8    1 
HETATM 86  N  N7    . G48 A 1 4  ? 2.504   -5.370  -3.690  1.00 20.77 ? 4   G48 A N7    1 
HETATM 87  C  C5    . G48 A 1 4  ? 3.860   -5.306  -3.358  1.00 20.71 ? 4   G48 A C5    1 
HETATM 88  C  C6    . G48 A 1 4  ? 4.761   -4.177  -3.239  1.00 12.37 ? 4   G48 A C6    1 
HETATM 89  O  O6    . G48 A 1 4  ? 4.552   -2.980  -3.454  1.00 12.73 ? 4   G48 A O6    1 
HETATM 90  N  N1    . G48 A 1 4  ? 6.027   -4.581  -2.834  1.00 15.13 ? 4   G48 A N1    1 
HETATM 91  C  C2    . G48 A 1 4  ? 6.406   -5.883  -2.598  1.00 19.71 ? 4   G48 A C2    1 
HETATM 92  N  N2    . G48 A 1 4  ? 7.669   -6.078  -2.192  1.00 22.10 ? 4   G48 A N2    1 
HETATM 93  N  N3    . G48 A 1 4  ? 5.602   -6.923  -2.739  1.00 20.66 ? 4   G48 A N3    1 
HETATM 94  C  C4    . G48 A 1 4  ? 4.355   -6.564  -3.104  1.00 18.13 ? 4   G48 A C4    1 
HETATM 95  C  "CA'" . G48 A 1 4  ? 5.333   -10.266 -1.732  1.00 34.03 ? 4   G48 A "CA'" 1 
HETATM 96  C  "CB'" . G48 A 1 4  ? 5.933   -11.596 -1.440  1.00 32.35 ? 4   G48 A "CB'" 1 
HETATM 97  O  "OC'" . G48 A 1 4  ? 5.959   -11.701 0.004   1.00 40.00 ? 4   G48 A "OC'" 1 
HETATM 98  C  "CD'" . G48 A 1 4  ? 6.047   -13.084 0.431   1.00 40.00 ? 4   G48 A "CD'" 1 
HETATM 99  O  OP2   . G48 A 1 4  ? -2.271  -7.212  -3.751  1.00 21.79 ? 4   G48 A OP2   1 
HETATM 100 P  P     . A44 A 1 5  ? 1.261   -9.071  1.163   1.00 26.06 ? 5   A44 A P     1 
HETATM 101 O  OP2   . A44 A 1 5  ? 0.414   -7.917  0.824   1.00 27.19 ? 5   A44 A OP2   1 
HETATM 102 O  OP1   . A44 A 1 5  ? 0.936   -9.922  2.296   1.00 31.52 ? 5   A44 A OP1   1 
HETATM 103 O  "O5'" . A44 A 1 5  ? 2.711   -8.522  1.505   1.00 19.47 ? 5   A44 A "O5'" 1 
HETATM 104 C  "C5'" . A44 A 1 5  ? 3.658   -9.376  2.136   1.00 17.24 ? 5   A44 A "C5'" 1 
HETATM 105 C  "C4'" . A44 A 1 5  ? 4.880   -8.593  2.497   1.00 25.66 ? 5   A44 A "C4'" 1 
HETATM 106 O  "O4'" . A44 A 1 5  ? 5.379   -7.936  1.303   1.00 30.07 ? 5   A44 A "O4'" 1 
HETATM 107 C  "C3'" . A44 A 1 5  ? 4.645   -7.423  3.426   1.00 18.33 ? 5   A44 A "C3'" 1 
HETATM 108 O  "O3'" . A44 A 1 5  ? 4.497   -7.786  4.768   1.00 23.72 ? 5   A44 A "O3'" 1 
HETATM 109 C  "C2'" . A44 A 1 5  ? 5.865   -6.555  3.165   1.00 25.41 ? 5   A44 A "C2'" 1 
HETATM 110 O  "O2'" . A44 A 1 5  ? 7.029   -7.047  3.807   1.00 24.57 ? 5   A44 A "O2'" 1 
HETATM 111 C  "C1'" . A44 A 1 5  ? 5.996   -6.702  1.660   1.00 24.79 ? 5   A44 A "C1'" 1 
HETATM 112 N  N9    . A44 A 1 5  ? 5.319   -5.603  0.966   1.00 20.72 ? 5   A44 A N9    1 
HETATM 113 C  C8    . A44 A 1 5  ? 4.118   -5.587  0.303   1.00 15.29 ? 5   A44 A C8    1 
HETATM 114 N  N7    . A44 A 1 5  ? 3.846   -4.436  -0.261  1.00 11.73 ? 5   A44 A N7    1 
HETATM 115 C  C5    . A44 A 1 5  ? 4.929   -3.636  0.072   1.00 14.30 ? 5   A44 A C5    1 
HETATM 116 C  C6    . A44 A 1 5  ? 5.241   -2.296  -0.218  1.00 10.63 ? 5   A44 A C6    1 
HETATM 117 N  N6    . A44 A 1 5  ? 4.468   -1.480  -0.940  1.00 22.04 ? 5   A44 A N6    1 
HETATM 118 N  N1    . A44 A 1 5  ? 6.398   -1.813  0.275   1.00 13.20 ? 5   A44 A N1    1 
HETATM 119 C  C2    . A44 A 1 5  ? 7.170   -2.609  1.016   1.00 9.26  ? 5   A44 A C2    1 
HETATM 120 N  N3    . A44 A 1 5  ? 6.985   -3.868  1.360   1.00 19.02 ? 5   A44 A N3    1 
HETATM 121 C  C4    . A44 A 1 5  ? 5.834   -4.332  0.844   1.00 20.27 ? 5   A44 A C4    1 
HETATM 122 C  "CA'" . A44 A 1 5  ? 8.218   -6.315  3.480   1.00 32.01 ? 5   A44 A "CA'" 1 
HETATM 123 C  "CD'" . A44 A 1 5  ? 10.358  -8.350  5.725   1.00 40.00 ? 5   A44 A "CD'" 1 
HETATM 124 O  "OC'" . A44 A 1 5  ? 9.657   -8.042  4.497   1.00 40.00 ? 5   A44 A "OC'" 1 
HETATM 125 C  "CB'" . A44 A 1 5  ? 9.366   -6.626  4.403   1.00 37.47 ? 5   A44 A "CB'" 1 
HETATM 126 P  P     . A44 A 1 6  ? 3.528   -6.903  5.697   1.00 28.60 ? 6   A44 A P     1 
HETATM 127 O  OP2   . A44 A 1 6  ? 2.375   -6.441  4.867   1.00 24.49 ? 6   A44 A OP2   1 
HETATM 128 O  OP1   . A44 A 1 6  ? 3.287   -7.673  6.941   1.00 32.19 ? 6   A44 A OP1   1 
HETATM 129 O  "O5'" . A44 A 1 6  ? 4.387   -5.605  6.021   1.00 26.85 ? 6   A44 A "O5'" 1 
HETATM 130 C  "C5'" . A44 A 1 6  ? 5.677   -5.716  6.617   1.00 19.73 ? 6   A44 A "C5'" 1 
HETATM 131 C  "C4'" . A44 A 1 6  ? 6.339   -4.364  6.658   1.00 18.87 ? 6   A44 A "C4'" 1 
HETATM 132 O  "O4'" . A44 A 1 6  ? 6.604   -3.886  5.319   1.00 25.26 ? 6   A44 A "O4'" 1 
HETATM 133 C  "C3'" . A44 A 1 6  ? 5.536   -3.235  7.271   1.00 12.48 ? 6   A44 A "C3'" 1 
HETATM 134 O  "O3'" . A44 A 1 6  ? 5.552   -3.271  8.667   1.00 19.90 ? 6   A44 A "O3'" 1 
HETATM 135 C  "C2'" . A44 A 1 6  ? 6.257   -2.018  6.739   1.00 18.96 ? 6   A44 A "C2'" 1 
HETATM 136 O  "O2'" . A44 A 1 6  ? 7.469   -1.855  7.476   1.00 27.31 ? 6   A44 A "O2'" 1 
HETATM 137 C  "C1'" . A44 A 1 6  ? 6.574   -2.473  5.314   1.00 21.15 ? 6   A44 A "C1'" 1 
HETATM 138 N  N9    . A44 A 1 6  ? 5.575   -2.031  4.345   1.00 13.47 ? 6   A44 A N9    1 
HETATM 139 C  C8    . A44 A 1 6  ? 4.458   -2.689  3.891   1.00 12.12 ? 6   A44 A C8    1 
HETATM 140 N  N7    . A44 A 1 6  ? 3.778   -2.010  3.000   1.00 16.29 ? 6   A44 A N7    1 
HETATM 141 C  C5    . A44 A 1 6  ? 4.489   -0.822  2.869   1.00 11.01 ? 6   A44 A C5    1 
HETATM 142 C  C6    . A44 A 1 6  ? 4.292   0.327   2.071   1.00 13.59 ? 6   A44 A C6    1 
HETATM 143 N  N6    . A44 A 1 6  ? 3.294   0.479   1.198   1.00 22.07 ? 6   A44 A N6    1 
HETATM 144 N  N1    . A44 A 1 6  ? 5.186   1.335   2.197   1.00 25.25 ? 6   A44 A N1    1 
HETATM 145 C  C2    . A44 A 1 6  ? 6.203   1.192   3.053   1.00 14.01 ? 6   A44 A C2    1 
HETATM 146 N  N3    . A44 A 1 6  ? 6.496   0.169   3.846   1.00 18.59 ? 6   A44 A N3    1 
HETATM 147 C  C4    . A44 A 1 6  ? 5.589   -0.820  3.701   1.00 14.28 ? 6   A44 A C4    1 
HETATM 148 C  "CA'" . A44 A 1 6  ? 8.244   -0.671  7.201   1.00 26.27 ? 6   A44 A "CA'" 1 
HETATM 149 C  "CD'" . A44 A 1 6  ? 9.482   0.604   9.680   1.00 40.00 ? 6   A44 A "CD'" 1 
HETATM 150 O  "OC'" . A44 A 1 6  ? 9.866   -0.696  9.116   1.00 40.00 ? 6   A44 A "OC'" 1 
HETATM 151 C  "CB'" . A44 A 1 6  ? 9.670   -0.794  7.670   1.00 30.00 ? 6   A44 A "CB'" 1 
HETATM 152 P  P     . U36 A 1 7  ? 4.252   -2.781  9.461   1.00 21.86 ? 7   U36 A P     1 
HETATM 153 O  OP1   . U36 A 1 7  ? 4.391   -3.350  10.815  1.00 20.84 ? 7   U36 A OP1   1 
HETATM 154 O  OP2   . U36 A 1 7  ? 3.024   -3.008  8.677   1.00 31.72 ? 7   U36 A OP2   1 
HETATM 155 O  "O5'" . U36 A 1 7  ? 4.447   -1.210  9.520   1.00 30.55 ? 7   U36 A "O5'" 1 
HETATM 156 C  "C5'" . U36 A 1 7  ? 5.670   -0.659  9.986   1.00 31.74 ? 7   U36 A "C5'" 1 
HETATM 157 C  "C4'" . U36 A 1 7  ? 5.781   0.762   9.531   1.00 13.90 ? 7   U36 A "C4'" 1 
HETATM 158 O  "O4'" . U36 A 1 7  ? 5.942   0.808   8.095   1.00 14.93 ? 7   U36 A "O4'" 1 
HETATM 159 C  "C3'" . U36 A 1 7  ? 4.566   1.638   9.783   1.00 12.83 ? 7   U36 A "C3'" 1 
HETATM 160 O  "O3'" . U36 A 1 7  ? 4.531   2.083   11.122  1.00 22.77 ? 7   U36 A "O3'" 1 
HETATM 161 C  "C2'" . U36 A 1 7  ? 4.814   2.767   8.807   1.00 15.25 ? 7   U36 A "C2'" 1 
HETATM 162 O  "O2'" . U36 A 1 7  ? 5.810   3.625   9.355   1.00 22.35 ? 7   U36 A "O2'" 1 
HETATM 163 C  "C1'" . U36 A 1 7  ? 5.381   1.999   7.607   1.00 15.87 ? 7   U36 A "C1'" 1 
HETATM 164 N  N1    . U36 A 1 7  ? 4.318   1.661   6.647   1.00 22.65 ? 7   U36 A N1    1 
HETATM 165 C  C2    . U36 A 1 7  ? 4.013   2.629   5.740   1.00 21.19 ? 7   U36 A C2    1 
HETATM 166 O  O2    . U36 A 1 7  ? 4.570   3.713   5.711   1.00 30.41 ? 7   U36 A O2    1 
HETATM 167 N  N3    . U36 A 1 7  ? 3.023   2.295   4.864   1.00 19.21 ? 7   U36 A N3    1 
HETATM 168 C  C4    . U36 A 1 7  ? 2.312   1.120   4.802   1.00 15.03 ? 7   U36 A C4    1 
HETATM 169 O  O4    . U36 A 1 7  ? 1.459   0.992   3.938   1.00 22.56 ? 7   U36 A O4    1 
HETATM 170 C  C5    . U36 A 1 7  ? 2.670   0.133   5.794   1.00 13.04 ? 7   U36 A C5    1 
HETATM 171 C  C6    . U36 A 1 7  ? 3.650   0.449   6.659   1.00 22.55 ? 7   U36 A C6    1 
HETATM 172 C  "CA'" . U36 A 1 7  ? 6.223   4.776   8.606   1.00 24.10 ? 7   U36 A "CA'" 1 
HETATM 173 C  "CB'" . U36 A 1 7  ? 7.720   4.819   8.364   1.00 16.45 ? 7   U36 A "CB'" 1 
HETATM 174 C  "CD'" . U36 A 1 7  ? 9.011   4.003   6.513   1.00 31.56 ? 7   U36 A "CD'" 1 
HETATM 175 O  "OC'" . U36 A 1 7  ? 8.140   3.646   7.606   1.00 19.20 ? 7   U36 A "OC'" 1 
HETATM 176 P  P     . U36 A 1 8  ? 3.124   2.461   11.810  1.00 23.41 ? 8   U36 A P     1 
HETATM 177 O  OP1   . U36 A 1 8  ? 3.467   2.514   13.251  1.00 29.48 ? 8   U36 A OP1   1 
HETATM 178 O  OP2   . U36 A 1 8  ? 2.088   1.504   11.335  1.00 23.80 ? 8   U36 A OP2   1 
HETATM 179 O  "O5'" . U36 A 1 8  ? 2.784   3.900   11.238  1.00 20.73 ? 8   U36 A "O5'" 1 
HETATM 180 C  "C5'" . U36 A 1 8  ? 3.514   5.050   11.690  1.00 14.10 ? 8   U36 A "C5'" 1 
HETATM 181 C  "C4'" . U36 A 1 8  ? 3.122   6.254   10.890  1.00 14.82 ? 8   U36 A "C4'" 1 
HETATM 182 O  "O4'" . U36 A 1 8  ? 3.438   6.069   9.480   1.00 17.45 ? 8   U36 A "O4'" 1 
HETATM 183 C  "C3'" . U36 A 1 8  ? 1.640   6.523   10.850  1.00 16.08 ? 8   U36 A "C3'" 1 
HETATM 184 O  "O3'" . U36 A 1 8  ? 1.153   7.120   12.017  1.00 25.88 ? 8   U36 A "O3'" 1 
HETATM 185 C  "C2'" . U36 A 1 8  ? 1.515   7.420   9.640   1.00 13.71 ? 8   U36 A "C2'" 1 
HETATM 186 O  "O2'" . U36 A 1 8  ? 1.981   8.707   9.965   1.00 17.18 ? 8   U36 A "O2'" 1 
HETATM 187 C  "C1'" . U36 A 1 8  ? 2.492   6.756   8.680   1.00 17.70 ? 8   U36 A "C1'" 1 
HETATM 188 N  N1    . U36 A 1 8  ? 1.772   5.777   7.835   1.00 22.24 ? 8   U36 A N1    1 
HETATM 189 C  C2    . U36 A 1 8  ? 1.190   6.230   6.662   1.00 8.44  ? 8   U36 A C2    1 
HETATM 190 O  O2    . U36 A 1 8  ? 1.208   7.391   6.297   1.00 16.25 ? 8   U36 A O2    1 
HETATM 191 N  N3    . U36 A 1 8  ? 0.570   5.258   5.923   1.00 14.64 ? 8   U36 A N3    1 
HETATM 192 C  C4    . U36 A 1 8  ? 0.470   3.919   6.219   1.00 10.44 ? 8   U36 A C4    1 
HETATM 193 O  O4    . U36 A 1 8  ? -0.104  3.168   5.423   1.00 17.25 ? 8   U36 A O4    1 
HETATM 194 C  C5    . U36 A 1 8  ? 1.076   3.508   7.475   1.00 12.59 ? 8   U36 A C5    1 
HETATM 195 C  C6    . U36 A 1 8  ? 1.687   4.448   8.212   1.00 18.58 ? 8   U36 A C6    1 
HETATM 196 C  "CA'" . U36 A 1 8  ? 1.917   9.631   8.911   1.00 10.14 ? 8   U36 A "CA'" 1 
HETATM 197 C  "CB'" . U36 A 1 8  ? 2.072   11.015  9.501   1.00 21.24 ? 8   U36 A "CB'" 1 
HETATM 198 C  "CD'" . U36 A 1 8  ? 0.431   12.636  10.093  1.00 30.03 ? 8   U36 A "CD'" 1 
HETATM 199 O  "OC'" . U36 A 1 8  ? 0.975   11.343  10.407  1.00 23.77 ? 8   U36 A "OC'" 1 
HETATM 200 P  P     . C43 A 1 9  ? -0.345  6.784   12.464  1.00 23.46 ? 9   C43 A P     1 
HETATM 201 O  OP2   . C43 A 1 9  ? -0.544  5.325   12.242  1.00 30.31 ? 9   C43 A OP2   1 
HETATM 202 O  OP1   . C43 A 1 9  ? -0.578  7.360   13.790  1.00 28.41 ? 9   C43 A OP1   1 
HETATM 203 O  "O5'" . C43 A 1 9  ? -1.223  7.556   11.392  1.00 13.78 ? 9   C43 A "O5'" 1 
HETATM 204 C  "C5'" . C43 A 1 9  ? -1.234  8.969   11.356  1.00 14.20 ? 9   C43 A "C5'" 1 
HETATM 205 C  "C4'" . C43 A 1 9  ? -2.094  9.450   10.239  1.00 15.71 ? 9   C43 A "C4'" 1 
HETATM 206 O  "O4'" . C43 A 1 9  ? -1.565  9.010   8.966   1.00 19.94 ? 9   C43 A "O4'" 1 
HETATM 207 C  "C3'" . C43 A 1 9  ? -3.516  8.932   10.216  1.00 13.37 ? 9   C43 A "C3'" 1 
HETATM 208 O  "O3'" . C43 A 1 9  ? -4.319  9.609   11.149  1.00 23.37 ? 9   C43 A "O3'" 1 
HETATM 209 C  "C2'" . C43 A 1 9  ? -3.910  9.234   8.791   1.00 8.36  ? 9   C43 A "C2'" 1 
HETATM 210 O  "O2'" . C43 A 1 9  ? -4.106  10.621  8.687   1.00 12.77 ? 9   C43 A "O2'" 1 
HETATM 211 C  "C1'" . C43 A 1 9  ? -2.627  8.858   8.042   1.00 17.80 ? 9   C43 A "C1'" 1 
HETATM 212 N  N1    . C43 A 1 9  ? -2.690  7.448   7.593   1.00 13.95 ? 9   C43 A N1    1 
HETATM 213 C  C2    . C43 A 1 9  ? -3.361  7.158   6.391   1.00 16.01 ? 9   C43 A C2    1 
HETATM 214 O  O2    . C43 A 1 9  ? -3.824  8.087   5.716   1.00 22.57 ? 9   C43 A O2    1 
HETATM 215 N  N3    . C43 A 1 9  ? -3.496  5.868   5.993   1.00 12.93 ? 9   C43 A N3    1 
HETATM 216 C  C4    . C43 A 1 9  ? -2.979  4.887   6.734   1.00 8.99  ? 9   C43 A C4    1 
HETATM 217 N  N4    . C43 A 1 9  ? -3.136  3.639   6.296   1.00 12.89 ? 9   C43 A N4    1 
HETATM 218 C  C5    . C43 A 1 9  ? -2.275  5.148   7.954   1.00 15.53 ? 9   C43 A C5    1 
HETATM 219 C  C6    . C43 A 1 9  ? -2.149  6.432   8.340   1.00 13.52 ? 9   C43 A C6    1 
HETATM 220 C  "CA'" . C43 A 1 9  ? -4.544  11.108  7.424   1.00 13.23 ? 9   C43 A "CA'" 1 
HETATM 221 C  "CB'" . C43 A 1 9  ? -4.630  12.599  7.482   1.00 26.56 ? 9   C43 A "CB'" 1 
HETATM 222 C  "CD'" . C43 A 1 9  ? -6.601  13.081  8.834   1.00 29.32 ? 9   C43 A "CD'" 1 
HETATM 223 O  "OC'" . C43 A 1 9  ? -6.006  13.087  7.519   1.00 36.00 ? 9   C43 A "OC'" 1 
HETATM 224 P  P     . G48 A 1 10 ? -5.561  8.847   11.824  1.00 18.23 ? 10  G48 A P     1 
HETATM 225 O  OP1   . G48 A 1 10 ? -6.037  9.718   12.897  1.00 25.27 ? 10  G48 A OP1   1 
HETATM 226 O  "O5'" . G48 A 1 10 ? -6.618  8.912   10.652  1.00 16.01 ? 10  G48 A "O5'" 1 
HETATM 227 C  "C5'" . G48 A 1 10 ? -7.064  10.168  10.190  1.00 11.96 ? 10  G48 A "C5'" 1 
HETATM 228 C  "C4'" . G48 A 1 10 ? -7.959  9.988   9.017   1.00 24.58 ? 10  G48 A "C4'" 1 
HETATM 229 O  "O4'" . G48 A 1 10 ? -7.192  9.480   7.898   1.00 26.46 ? 10  G48 A "O4'" 1 
HETATM 230 C  "C3'" . G48 A 1 10 ? -9.059  8.962   9.166   1.00 20.64 ? 10  G48 A "C3'" 1 
HETATM 231 O  "O3'" . G48 A 1 10 ? -10.149 9.407   9.934   1.00 17.82 ? 10  G48 A "O3'" 1 
HETATM 232 C  "C2'" . G48 A 1 10 ? -9.418  8.700   7.721   1.00 16.10 ? 10  G48 A "C2'" 1 
HETATM 233 O  "O2'" . G48 A 1 10 ? -10.171 9.801   7.248   1.00 20.11 ? 10  G48 A "O2'" 1 
HETATM 234 C  "C1'" . G48 A 1 10 ? -8.026  8.671   7.082   1.00 22.83 ? 10  G48 A "C1'" 1 
HETATM 235 N  N9    . G48 A 1 10 ? -7.484  7.314   7.074   1.00 9.84  ? 10  G48 A N9    1 
HETATM 236 C  C8    . G48 A 1 10 ? -6.588  6.757   7.958   1.00 10.87 ? 10  G48 A C8    1 
HETATM 237 N  N7    . G48 A 1 10 ? -6.301  5.513   7.681   1.00 19.51 ? 10  G48 A N7    1 
HETATM 238 C  C5    . G48 A 1 10 ? -7.058  5.232   6.550   1.00 20.34 ? 10  G48 A C5    1 
HETATM 239 C  C6    . G48 A 1 10 ? -7.183  4.017   5.773   1.00 8.01  ? 10  G48 A C6    1 
HETATM 240 O  O6    . G48 A 1 10 ? -6.621  2.932   5.926   1.00 11.15 ? 10  G48 A O6    1 
HETATM 241 N  N1    . G48 A 1 10 ? -8.085  4.180   4.729   1.00 13.31 ? 10  G48 A N1    1 
HETATM 242 C  C2    . G48 A 1 10 ? -8.776  5.343   4.449   1.00 10.84 ? 10  G48 A C2    1 
HETATM 243 N  N2    . G48 A 1 10 ? -9.602  5.321   3.412   1.00 12.52 ? 10  G48 A N2    1 
HETATM 244 N  N3    . G48 A 1 10 ? -8.661  6.461   5.145   1.00 14.06 ? 10  G48 A N3    1 
HETATM 245 C  C4    . G48 A 1 10 ? -7.795  6.335   6.171   1.00 12.37 ? 10  G48 A C4    1 
HETATM 246 C  "CA'" . G48 A 1 10 ? -10.554 9.786   5.873   1.00 20.07 ? 10  G48 A "CA'" 1 
HETATM 247 C  "CB'" . G48 A 1 10 ? -11.671 10.769  5.657   1.00 27.89 ? 10  G48 A "CB'" 1 
HETATM 248 O  "OC'" . G48 A 1 10 ? -12.940 10.216  6.141   1.00 40.00 ? 10  G48 A "OC'" 1 
HETATM 249 C  "CD'" . G48 A 1 10 ? -14.021 11.190  6.207   1.00 33.21 ? 10  G48 A "CD'" 1 
HETATM 250 O  OP2   . G48 A 1 10 ? -5.237  7.476   12.133  1.00 16.21 ? 10  G48 A OP2   1 
HETATM 251 P  P     . C43 A 1 11 ? -10.844 8.378   10.955  1.00 24.60 ? 11  C43 A P     1 
HETATM 252 O  OP2   . C43 A 1 11 ? -9.839  7.426   11.478  1.00 21.53 ? 11  C43 A OP2   1 
HETATM 253 O  OP1   . C43 A 1 11 ? -11.664 9.168   11.909  1.00 40.00 ? 11  C43 A OP1   1 
HETATM 254 O  "O5'" . C43 A 1 11 ? -11.841 7.564   10.023  1.00 29.65 ? 11  C43 A "O5'" 1 
HETATM 255 C  "C5'" . C43 A 1 11 ? -12.738 8.255   9.157   1.00 22.83 ? 11  C43 A "C5'" 1 
HETATM 256 C  "C4'" . C43 A 1 11 ? -13.207 7.334   8.069   1.00 25.54 ? 11  C43 A "C4'" 1 
HETATM 257 O  "O4'" . C43 A 1 11 ? -12.098 6.938   7.216   1.00 21.96 ? 11  C43 A "O4'" 1 
HETATM 258 C  "C3'" . C43 A 1 11 ? -13.779 6.013   8.545   1.00 18.28 ? 11  C43 A "C3'" 1 
HETATM 259 O  "O3'" . C43 A 1 11 ? -15.117 6.134   9.001   1.00 22.75 ? 11  C43 A "O3'" 1 
HETATM 260 C  "C2'" . C43 A 1 11 ? -13.681 5.177   7.287   1.00 12.42 ? 11  C43 A "C2'" 1 
HETATM 261 O  "O2'" . C43 A 1 11 ? -14.682 5.584   6.377   1.00 16.69 ? 11  C43 A "O2'" 1 
HETATM 262 C  "C1'" . C43 A 1 11 ? -12.324 5.615   6.746   1.00 20.33 ? 11  C43 A "C1'" 1 
HETATM 263 N  N1    . C43 A 1 11 ? -11.264 4.720   7.253   1.00 16.94 ? 11  C43 A N1    1 
HETATM 264 C  C2    . C43 A 1 11 ? -11.048 3.510   6.576   1.00 10.85 ? 11  C43 A C2    1 
HETATM 265 O  O2    . C43 A 1 11 ? -11.762 3.237   5.613   1.00 15.00 ? 11  C43 A O2    1 
HETATM 266 N  N3    . C43 A 1 11 ? -10.079 2.673   6.988   1.00 11.49 ? 11  C43 A N3    1 
HETATM 267 C  C4    . C43 A 1 11 ? -9.335  2.987   8.051   1.00 7.71  ? 11  C43 A C4    1 
HETATM 268 N  N4    . C43 A 1 11 ? -8.393  2.125   8.424   1.00 8.46  ? 11  C43 A N4    1 
HETATM 269 C  C5    . C43 A 1 11 ? -9.539  4.212   8.781   1.00 13.83 ? 11  C43 A C5    1 
HETATM 270 C  C6    . C43 A 1 11 ? -10.506 5.041   8.346   1.00 11.15 ? 11  C43 A C6    1 
HETATM 271 C  "CA'" . C43 A 1 11 ? -14.495 5.018   5.073   1.00 40.00 ? 11  C43 A "CA'" 1 
HETATM 272 C  "CB'" . C43 A 1 11 ? -15.569 5.408   4.084   1.00 35.04 ? 11  C43 A "CB'" 1 
HETATM 273 C  "CD'" . C43 A 1 11 ? -16.640 3.375   4.679   1.00 40.00 ? 11  C43 A "CD'" 1 
HETATM 274 O  "OC'" . C43 A 1 11 ? -16.820 4.796   4.459   1.00 30.83 ? 11  C43 A "OC'" 1 
HETATM 275 P  P     . G48 A 1 12 ? -15.646 5.134   10.134  1.00 23.99 ? 12  G48 A P     1 
HETATM 276 O  OP1   . G48 A 1 12 ? -17.041 5.547   10.502  1.00 27.46 ? 12  G48 A OP1   1 
HETATM 277 O  "O5'" . G48 A 1 12 ? -15.742 3.739   9.378   1.00 24.61 ? 12  G48 A "O5'" 1 
HETATM 278 C  "C5'" . G48 A 1 12 ? -16.597 3.592   8.226   1.00 22.66 ? 12  G48 A "C5'" 1 
HETATM 279 C  "C4'" . G48 A 1 12 ? -16.397 2.232   7.608   1.00 23.07 ? 12  G48 A "C4'" 1 
HETATM 280 O  "O4'" . G48 A 1 12 ? -15.045 2.101   7.111   1.00 20.67 ? 12  G48 A "O4'" 1 
HETATM 281 C  "C3'" . G48 A 1 12 ? -16.549 1.057   8.556   1.00 22.70 ? 12  G48 A "C3'" 1 
HETATM 282 O  "O3'" . G48 A 1 12 ? -17.877 0.770   8.969   1.00 30.97 ? 12  G48 A "O3'" 1 
HETATM 283 C  "C2'" . G48 A 1 12 ? -15.781 -0.046  7.854   1.00 22.25 ? 12  G48 A "C2'" 1 
HETATM 284 O  "O2'" . G48 A 1 12 ? -16.564 -0.647  6.850   1.00 34.78 ? 12  G48 A "O2'" 1 
HETATM 285 C  "C1'" . G48 A 1 12 ? -14.654 0.748   7.195   1.00 17.34 ? 12  G48 A "C1'" 1 
HETATM 286 N  N9    . G48 A 1 12 ? -13.429 0.643   7.967   1.00 17.71 ? 12  G48 A N9    1 
HETATM 287 C  C8    . G48 A 1 12 ? -12.941 1.490   8.935   1.00 12.32 ? 12  G48 A C8    1 
HETATM 288 N  N7    . G48 A 1 12 ? -11.811 1.080   9.446   1.00 15.28 ? 12  G48 A N7    1 
HETATM 289 C  C5    . G48 A 1 12 ? -11.543 -0.106  8.773   1.00 23.68 ? 12  G48 A C5    1 
HETATM 290 C  C6    . G48 A 1 12 ? -10.441 -1.018  8.878   1.00 22.58 ? 12  G48 A C6    1 
HETATM 291 O  O6    . G48 A 1 12 ? -9.444  -0.954  9.607   1.00 20.14 ? 12  G48 A O6    1 
HETATM 292 N  N1    . G48 A 1 12 ? -10.587 -2.095  7.998   1.00 15.73 ? 12  G48 A N1    1 
HETATM 293 C  C2    . G48 A 1 12 ? -11.638 -2.269  7.131   1.00 9.69  ? 12  G48 A C2    1 
HETATM 294 N  N2    . G48 A 1 12 ? -11.631 -3.368  6.391   1.00 14.99 ? 12  G48 A N2    1 
HETATM 295 N  N3    . G48 A 1 12 ? -12.637 -1.424  7.007   1.00 18.10 ? 12  G48 A N3    1 
HETATM 296 C  C4    . G48 A 1 12 ? -12.532 -0.380  7.855   1.00 20.97 ? 12  G48 A C4    1 
HETATM 297 C  "CA'" . G48 A 1 12 ? -15.789 -1.393  5.923   1.00 40.00 ? 12  G48 A "CA'" 1 
HETATM 298 C  "CB'" . G48 A 1 12 ? -16.499 -2.663  5.579   1.00 40.00 ? 12  G48 A "CB'" 1 
HETATM 299 O  "OC'" . G48 A 1 12 ? -17.922 -2.465  5.345   1.00 40.00 ? 12  G48 A "OC'" 1 
HETATM 300 C  "CD'" . G48 A 1 12 ? -18.622 -3.728  5.546   1.00 40.00 ? 12  G48 A "CD'" 1 
HETATM 301 O  OP2   . G48 A 1 12 ? -14.617 5.003   11.182  1.00 22.55 ? 12  G48 A OP2   1 
HETATM 302 O  "O5'" . C43 B 1 1  ? -4.052  -7.413  6.429   1.00 32.93 ? 13  C43 B "O5'" 1 
HETATM 303 C  "C5'" . C43 B 1 1  ? -4.595  -8.616  5.886   1.00 26.65 ? 13  C43 B "C5'" 1 
HETATM 304 C  "C4'" . C43 B 1 1  ? -6.087  -8.516  5.669   1.00 13.24 ? 13  C43 B "C4'" 1 
HETATM 305 O  "O4'" . C43 B 1 1  ? -6.729  -8.166  6.922   1.00 19.90 ? 13  C43 B "O4'" 1 
HETATM 306 C  "C3'" . C43 B 1 1  ? -6.537  -7.431  4.714   1.00 23.87 ? 13  C43 B "C3'" 1 
HETATM 307 O  "O3'" . C43 B 1 1  ? -6.457  -7.826  3.361   1.00 19.41 ? 13  C43 B "O3'" 1 
HETATM 308 C  "C2'" . C43 B 1 1  ? -7.967  -7.171  5.167   1.00 22.01 ? 13  C43 B "C2'" 1 
HETATM 309 O  "O2'" . C43 B 1 1  ? -8.848  -8.159  4.676   1.00 24.22 ? 13  C43 B "O2'" 1 
HETATM 310 C  "C1'" . C43 B 1 1  ? -7.823  -7.301  6.682   1.00 14.36 ? 13  C43 B "C1'" 1 
HETATM 311 N  N1    . C43 B 1 1  ? -7.518  -5.990  7.299   1.00 21.17 ? 13  C43 B N1    1 
HETATM 312 C  C2    . C43 B 1 1  ? -8.543  -5.044  7.408   1.00 17.15 ? 13  C43 B C2    1 
HETATM 313 O  O2    . C43 B 1 1  ? -9.655  -5.312  6.973   1.00 14.53 ? 13  C43 B O2    1 
HETATM 314 N  N3    . C43 B 1 1  ? -8.290  -3.846  7.971   1.00 17.17 ? 13  C43 B N3    1 
HETATM 315 C  C4    . C43 B 1 1  ? -7.062  -3.557  8.403   1.00 20.97 ? 13  C43 B C4    1 
HETATM 316 N  N4    . C43 B 1 1  ? -6.873  -2.351  8.965   1.00 21.68 ? 13  C43 B N4    1 
HETATM 317 C  C5    . C43 B 1 1  ? -5.982  -4.486  8.285   1.00 13.13 ? 13  C43 B C5    1 
HETATM 318 C  C6    . C43 B 1 1  ? -6.254  -5.687  7.740   1.00 21.31 ? 13  C43 B C6    1 
HETATM 319 C  "CA'" . C43 B 1 1  ? -10.171 -7.749  4.344   1.00 23.58 ? 13  C43 B "CA'" 1 
HETATM 320 C  "CB'" . C43 B 1 1  ? -11.123 -8.796  4.841   1.00 35.78 ? 13  C43 B "CB'" 1 
HETATM 321 C  "CD'" . C43 B 1 1  ? -10.820 -11.196 4.795   1.00 28.67 ? 13  C43 B "CD'" 1 
HETATM 322 O  "OC'" . C43 B 1 1  ? -11.045 -9.987  4.021   1.00 39.07 ? 13  C43 B "OC'" 1 
HETATM 323 P  P     . G48 B 1 2  ? -6.265  -6.716  2.229   1.00 21.78 ? 14  G48 B P     1 
HETATM 324 O  OP1   . G48 B 1 2  ? -6.030  -7.314  0.892   1.00 35.25 ? 14  G48 B OP1   1 
HETATM 325 O  "O5'" . G48 B 1 2  ? -7.693  -6.023  2.160   1.00 40.00 ? 14  G48 B "O5'" 1 
HETATM 326 C  "C5'" . G48 B 1 2  ? -8.788  -6.668  1.499   1.00 16.54 ? 14  G48 B "C5'" 1 
HETATM 327 C  "C4'" . G48 B 1 2  ? -9.893  -5.681  1.307   1.00 13.18 ? 14  G48 B "C4'" 1 
HETATM 328 O  "O4'" . G48 B 1 2  ? -10.317 -5.268  2.625   1.00 18.46 ? 14  G48 B "O4'" 1 
HETATM 329 C  "C3'" . G48 B 1 2  ? -9.483  -4.387  0.630   1.00 18.49 ? 14  G48 B "C3'" 1 
HETATM 330 O  "O3'" . G48 B 1 2  ? -9.511  -4.439  -0.783  1.00 23.28 ? 14  G48 B "O3'" 1 
HETATM 331 C  "C2'" . G48 B 1 2  ? -10.483 -3.386  1.177   1.00 16.85 ? 14  G48 B "C2'" 1 
HETATM 332 O  "O2'" . G48 B 1 2  ? -11.698 -3.427  0.451   1.00 24.27 ? 14  G48 B "O2'" 1 
HETATM 333 C  "C1'" . G48 B 1 2  ? -10.657 -3.903  2.600   1.00 19.68 ? 14  G48 B "C1'" 1 
HETATM 334 N  N9    . G48 B 1 2  ? -9.794  -3.202  3.540   1.00 16.72 ? 14  G48 B N9    1 
HETATM 335 C  C8    . G48 B 1 2  ? -8.582  -3.607  4.052   1.00 15.63 ? 14  G48 B C8    1 
HETATM 336 N  N7    . G48 B 1 2  ? -8.086  -2.753  4.909   1.00 15.52 ? 14  G48 B N7    1 
HETATM 337 C  C5    . G48 B 1 2  ? -9.020  -1.717  4.944   1.00 16.50 ? 14  G48 B C5    1 
HETATM 338 C  C6    . G48 B 1 2  ? -9.037  -0.501  5.694   1.00 23.10 ? 14  G48 B C6    1 
HETATM 339 O  O6    . G48 B 1 2  ? -8.194  -0.077  6.482   1.00 18.85 ? 14  G48 B O6    1 
HETATM 340 N  N1    . G48 B 1 2  ? -10.193 0.249   5.441   1.00 14.73 ? 14  G48 B N1    1 
HETATM 341 C  C2    . G48 B 1 2  ? -11.196 -0.112  4.570   1.00 12.78 ? 14  G48 B C2    1 
HETATM 342 N  N2    . G48 B 1 2  ? -12.241 0.733   4.430   1.00 16.47 ? 14  G48 B N2    1 
HETATM 343 N  N3    . G48 B 1 2  ? -11.179 -1.231  3.868   1.00 22.52 ? 14  G48 B N3    1 
HETATM 344 C  C4    . G48 B 1 2  ? -10.073 -1.979  4.105   1.00 19.61 ? 14  G48 B C4    1 
HETATM 345 C  "CA'" . G48 B 1 2  ? -12.821 -2.836  1.099   1.00 25.67 ? 14  G48 B "CA'" 1 
HETATM 346 C  "CB'" . G48 B 1 2  ? -14.048 -3.056  0.271   1.00 18.43 ? 14  G48 B "CB'" 1 
HETATM 347 O  "OC'" . G48 B 1 2  ? -13.996 -2.276  -0.942  1.00 24.25 ? 14  G48 B "OC'" 1 
HETATM 348 C  "CD'" . G48 B 1 2  ? -14.310 -0.881  -0.631  1.00 33.10 ? 14  G48 B "CD'" 1 
HETATM 349 O  OP2   . G48 B 1 2  ? -5.304  -5.745  2.790   1.00 25.05 ? 14  G48 B OP2   1 
HETATM 350 P  P     . C43 B 1 3  ? -8.506  -3.500  -1.616  1.00 19.90 ? 15  C43 B P     1 
HETATM 351 O  OP2   . C43 B 1 3  ? -7.230  -3.472  -0.876  1.00 19.45 ? 15  C43 B OP2   1 
HETATM 352 O  OP1   . C43 B 1 3  ? -8.560  -3.970  -3.009  1.00 22.67 ? 15  C43 B OP1   1 
HETATM 353 O  "O5'" . C43 B 1 3  ? -9.142  -2.052  -1.516  1.00 18.32 ? 15  C43 B "O5'" 1 
HETATM 354 C  "C5'" . C43 B 1 3  ? -10.418 -1.761  -2.065  1.00 18.42 ? 15  C43 B "C5'" 1 
HETATM 355 C  "C4'" . C43 B 1 3  ? -10.819 -0.385  -1.645  1.00 19.28 ? 15  C43 B "C4'" 1 
HETATM 356 O  "O4'" . C43 B 1 3  ? -10.977 -0.350  -0.200  1.00 18.66 ? 15  C43 B "O4'" 1 
HETATM 357 C  "C3'" . C43 B 1 3  ? -9.761  0.673   -1.879  1.00 16.21 ? 15  C43 B "C3'" 1 
HETATM 358 O  "O3'" . C43 B 1 3  ? -9.687  1.148   -3.201  1.00 30.22 ? 15  C43 B "O3'" 1 
HETATM 359 C  "C2'" . C43 B 1 3  ? -10.191 1.765   -0.926  1.00 14.16 ? 15  C43 B "C2'" 1 
HETATM 360 O  "O2'" . C43 B 1 3  ? -11.272 2.465   -1.492  1.00 17.76 ? 15  C43 B "O2'" 1 
HETATM 361 C  "C1'" . C43 B 1 3  ? -10.636 0.945   0.275   1.00 18.23 ? 15  C43 B "C1'" 1 
HETATM 362 N  N1    . C43 B 1 3  ? -9.530  0.855   1.250   1.00 19.23 ? 15  C43 B N1    1 
HETATM 363 C  C2    . C43 B 1 3  ? -9.337  1.935   2.113   1.00 17.73 ? 15  C43 B C2    1 
HETATM 364 O  O2    . C43 B 1 3  ? -10.070 2.921   1.999   1.00 17.00 ? 15  C43 B O2    1 
HETATM 365 N  N3    . C43 B 1 3  ? -8.355  1.890   3.036   1.00 16.13 ? 15  C43 B N3    1 
HETATM 366 C  C4    . C43 B 1 3  ? -7.556  0.827   3.101   1.00 20.62 ? 15  C43 B C4    1 
HETATM 367 N  N4    . C43 B 1 3  ? -6.602  0.822   4.032   1.00 16.68 ? 15  C43 B N4    1 
HETATM 368 C  C5    . C43 B 1 3  ? -7.709  -0.284  2.213   1.00 16.36 ? 15  C43 B C5    1 
HETATM 369 C  C6    . C43 B 1 3  ? -8.703  -0.229  1.316   1.00 13.91 ? 15  C43 B C6    1 
HETATM 370 C  "CA'" . C43 B 1 3  ? -11.872 3.454   -0.662  1.00 34.18 ? 15  C43 B "CA'" 1 
HETATM 371 C  "CB'" . C43 B 1 3  ? -13.204 3.802   -1.247  1.00 26.42 ? 15  C43 B "CB'" 1 
HETATM 372 C  "CD'" . C43 B 1 3  ? -14.362 4.976   -2.921  1.00 31.77 ? 15  C43 B "CD'" 1 
HETATM 373 O  "OC'" . C43 B 1 3  ? -13.063 4.440   -2.533  1.00 40.00 ? 15  C43 B "OC'" 1 
HETATM 374 P  P     . G48 B 1 4  ? -8.283  1.726   -3.735  1.00 22.81 ? 16  G48 B P     1 
HETATM 375 O  OP1   . G48 B 1 4  ? -8.357  1.986   -5.184  1.00 26.10 ? 16  G48 B OP1   1 
HETATM 376 O  "O5'" . G48 B 1 4  ? -8.201  3.143   -3.040  1.00 23.04 ? 16  G48 B "O5'" 1 
HETATM 377 C  "C5'" . G48 B 1 4  ? -9.089  4.177   -3.430  1.00 24.37 ? 16  G48 B "C5'" 1 
HETATM 378 C  "C4'" . G48 B 1 4  ? -8.812  5.397   -2.621  1.00 16.40 ? 16  G48 B "C4'" 1 
HETATM 379 O  "O4'" . G48 B 1 4  ? -9.093  5.104   -1.229  1.00 17.52 ? 16  G48 B "O4'" 1 
HETATM 380 C  "C3'" . G48 B 1 4  ? -7.348  5.787   -2.586  1.00 17.13 ? 16  G48 B "C3'" 1 
HETATM 381 O  "O3'" . G48 B 1 4  ? -6.873  6.461   -3.729  1.00 29.39 ? 16  G48 B "O3'" 1 
HETATM 382 C  "C2'" . G48 B 1 4  ? -7.280  6.629   -1.333  1.00 13.23 ? 16  G48 B "C2'" 1 
HETATM 383 O  "O2'" . G48 B 1 4  ? -7.766  7.928   -1.583  1.00 23.44 ? 16  G48 B "O2'" 1 
HETATM 384 C  "C1'" . G48 B 1 4  ? -8.209  5.845   -0.409  1.00 23.13 ? 16  G48 B "C1'" 1 
HETATM 385 N  N9    . G48 B 1 4  ? -7.392  4.940   0.379   1.00 16.94 ? 16  G48 B N9    1 
HETATM 386 C  C8    . G48 B 1 4  ? -7.096  3.611   0.153   1.00 15.55 ? 16  G48 B C8    1 
HETATM 387 N  N7    . G48 B 1 4  ? -6.254  3.126   1.020   1.00 17.28 ? 16  G48 B N7    1 
HETATM 388 C  C5    . G48 B 1 4  ? -5.988  4.194   1.872   1.00 18.67 ? 16  G48 B C5    1 
HETATM 389 C  C6    . G48 B 1 4  ? -5.141  4.286   2.997   1.00 13.17 ? 16  G48 B C6    1 
HETATM 390 O  O6    . G48 B 1 4  ? -4.419  3.425   3.493   1.00 15.06 ? 16  G48 B O6    1 
HETATM 391 N  N1    . G48 B 1 4  ? -5.181  5.560   3.567   1.00 18.00 ? 16  G48 B N1    1 
HETATM 392 C  C2    . G48 B 1 4  ? -5.931  6.611   3.099   1.00 16.97 ? 16  G48 B C2    1 
HETATM 393 N  N2    . G48 B 1 4  ? -5.843  7.792   3.758   1.00 19.46 ? 16  G48 B N2    1 
HETATM 394 N  N3    . G48 B 1 4  ? -6.717  6.527   2.051   1.00 20.17 ? 16  G48 B N3    1 
HETATM 395 C  C4    . G48 B 1 4  ? -6.698  5.298   1.494   1.00 14.17 ? 16  G48 B C4    1 
HETATM 396 C  "CA'" . G48 B 1 4  ? -7.791  8.783   -0.452  1.00 16.37 ? 16  G48 B "CA'" 1 
HETATM 397 C  "CB'" . G48 B 1 4  ? -8.251  10.119  -0.935  1.00 19.29 ? 16  G48 B "CB'" 1 
HETATM 398 O  "OC'" . G48 B 1 4  ? -7.422  10.566  -2.033  1.00 30.17 ? 16  G48 B "OC'" 1 
HETATM 399 C  "CD'" . G48 B 1 4  ? -7.811  11.868  -2.542  1.00 26.66 ? 16  G48 B "CD'" 1 
HETATM 400 O  OP2   . G48 B 1 4  ? -7.222  0.874   -3.183  1.00 19.30 ? 16  G48 B OP2   1 
HETATM 401 P  P     . A44 B 1 5  ? -5.298  6.392   -4.063  1.00 31.97 ? 17  A44 B P     1 
HETATM 402 O  OP2   . A44 B 1 5  ? -4.808  5.028   -3.764  1.00 21.67 ? 17  A44 B OP2   1 
HETATM 403 O  OP1   . A44 B 1 5  ? -5.064  6.989   -5.403  1.00 40.00 ? 17  A44 B OP1   1 
HETATM 404 O  "O5'" . A44 B 1 5  ? -4.641  7.354   -2.974  1.00 24.10 ? 17  A44 B "O5'" 1 
HETATM 405 C  "C5'" . A44 B 1 5  ? -5.070  8.719   -2.862  1.00 22.94 ? 17  A44 B "C5'" 1 
HETATM 406 C  "C4'" . A44 B 1 5  ? -4.221  9.453   -1.859  1.00 24.70 ? 17  A44 B "C4'" 1 
HETATM 407 O  "O4'" . A44 B 1 5  ? -4.529  8.995   -0.514  1.00 29.11 ? 17  A44 B "O4'" 1 
HETATM 408 C  "C3'" . A44 B 1 5  ? -2.724  9.216   -1.987  1.00 31.42 ? 17  A44 B "C3'" 1 
HETATM 409 O  "O3'" . A44 B 1 5  ? -2.088  9.984   -2.980  1.00 31.61 ? 17  A44 B "O3'" 1 
HETATM 410 C  "C2'" . A44 B 1 5  ? -2.216  9.561   -0.598  1.00 33.93 ? 17  A44 B "C2'" 1 
HETATM 411 O  "O2'" . A44 B 1 5  ? -2.039  10.955  -0.450  1.00 36.16 ? 17  A44 B "O2'" 1 
HETATM 412 C  "C1'" . A44 B 1 5  ? -3.348  9.021   0.282   1.00 33.33 ? 17  A44 B "C1'" 1 
HETATM 413 N  N9    . A44 B 1 5  ? -3.042  7.654   0.709   1.00 15.81 ? 17  A44 B N9    1 
HETATM 414 C  C8    . A44 B 1 5  ? -3.482  6.471   0.153   1.00 17.46 ? 17  A44 B C8    1 
HETATM 415 N  N7    . A44 B 1 5  ? -3.043  5.402   0.767   1.00 17.50 ? 17  A44 B N7    1 
HETATM 416 C  C5    . A44 B 1 5  ? -2.254  5.910   1.797   1.00 12.59 ? 17  A44 B C5    1 
HETATM 417 C  C6    . A44 B 1 5  ? -1.531  5.283   2.814   1.00 10.94 ? 17  A44 B C6    1 
HETATM 418 N  N6    . A44 B 1 5  ? -1.475  3.958   2.981   1.00 19.58 ? 17  A44 B N6    1 
HETATM 419 N  N1    . A44 B 1 5  ? -0.855  6.078   3.677   1.00 17.06 ? 17  A44 B N1    1 
HETATM 420 C  C2    . A44 B 1 5  ? -0.916  7.403   3.514   1.00 9.96  ? 17  A44 B C2    1 
HETATM 421 N  N3    . A44 B 1 5  ? -1.566  8.106   2.597   1.00 14.33 ? 17  A44 B N3    1 
HETATM 422 C  C4    . A44 B 1 5  ? -2.236  7.289   1.760   1.00 15.34 ? 17  A44 B C4    1 
HETATM 423 C  "CA'" . A44 B 1 5  ? -1.507  11.324  0.822   1.00 35.42 ? 17  A44 B "CA'" 1 
HETATM 424 C  "CD'" . A44 B 1 5  ? -3.184  14.494  0.945   1.00 40.00 ? 17  A44 B "CD'" 1 
HETATM 425 O  "OC'" . A44 B 1 5  ? -2.588  13.367  0.232   1.00 40.00 ? 17  A44 B "OC'" 1 
HETATM 426 C  "CB'" . A44 B 1 5  ? -1.421  12.816  0.899   1.00 40.00 ? 17  A44 B "CB'" 1 
HETATM 427 P  P     . A44 B 1 6  ? -0.755  9.417   -3.663  1.00 31.43 ? 18  A44 B P     1 
HETATM 428 O  OP2   . A44 B 1 6  ? -0.973  7.989   -4.000  1.00 27.78 ? 18  A44 B OP2   1 
HETATM 429 O  OP1   . A44 B 1 6  ? -0.301  10.364  -4.714  1.00 36.88 ? 18  A44 B OP1   1 
HETATM 430 O  "O5'" . A44 B 1 6  ? 0.322   9.437   -2.495  1.00 29.59 ? 18  A44 B "O5'" 1 
HETATM 431 C  "C5'" . A44 B 1 6  ? 0.654   10.654  -1.837  1.00 21.64 ? 18  A44 B "C5'" 1 
HETATM 432 C  "C4'" . A44 B 1 6  ? 1.663   10.402  -0.755  1.00 28.22 ? 18  A44 B "C4'" 1 
HETATM 433 O  "O4'" . A44 B 1 6  ? 1.066   9.664   0.342   1.00 30.10 ? 18  A44 B "O4'" 1 
HETATM 434 C  "C3'" . A44 B 1 6  ? 2.860   9.553   -1.132  1.00 30.95 ? 18  A44 B "C3'" 1 
HETATM 435 O  "O3'" . A44 B 1 6  ? 3.815   10.268  -1.876  1.00 34.71 ? 18  A44 B "O3'" 1 
HETATM 436 C  "C2'" . A44 B 1 6  ? 3.372   9.099   0.226   1.00 26.41 ? 18  A44 B "C2'" 1 
HETATM 437 O  "O2'" . A44 B 1 6  ? 4.082   10.135  0.869   1.00 26.29 ? 18  A44 B "O2'" 1 
HETATM 438 C  "C1'" . A44 B 1 6  ? 2.059   8.863   0.969   1.00 34.81 ? 18  A44 B "C1'" 1 
HETATM 439 N  N9    . A44 B 1 6  ? 1.664   7.463   0.856   1.00 21.63 ? 18  A44 B N9    1 
HETATM 440 C  C8    . A44 B 1 6  ? 0.897   6.867   -0.112  1.00 12.16 ? 18  A44 B C8    1 
HETATM 441 N  N7    . A44 B 1 6  ? 0.724   5.583   0.070   1.00 17.76 ? 18  A44 B N7    1 
HETATM 442 C  C5    . A44 B 1 6  ? 1.415   5.314   1.243   1.00 14.46 ? 18  A44 B C5    1 
HETATM 443 C  C6    . A44 B 1 6  ? 1.603   4.139   1.986   1.00 12.23 ? 18  A44 B C6    1 
HETATM 444 N  N6    . A44 B 1 6  ? 1.064   2.953   1.674   1.00 15.97 ? 18  A44 B N6    1 
HETATM 445 N  N1    . A44 B 1 6  ? 2.371   4.227   3.092   1.00 20.08 ? 18  A44 B N1    1 
HETATM 446 C  C2    . A44 B 1 6  ? 2.901   5.417   3.424   1.00 11.87 ? 18  A44 B C2    1 
HETATM 447 N  N3    . A44 B 1 6  ? 2.782   6.580   2.820   1.00 14.89 ? 18  A44 B N3    1 
HETATM 448 C  C4    . A44 B 1 6  ? 2.015   6.464   1.725   1.00 18.25 ? 18  A44 B C4    1 
HETATM 449 C  "CA'" . A44 B 1 6  ? 4.657   9.795   2.142   1.00 40.00 ? 18  A44 B "CA'" 1 
HETATM 450 C  "CD'" . A44 B 1 6  ? 4.618   12.812  4.120   1.00 40.00 ? 18  A44 B "CD'" 1 
HETATM 451 O  "OC'" . A44 B 1 6  ? 4.651   12.185  2.792   1.00 40.00 ? 18  A44 B "OC'" 1 
HETATM 452 C  "CB'" . A44 B 1 6  ? 5.454   10.948  2.730   1.00 36.43 ? 18  A44 B "CB'" 1 
HETATM 453 P  P     . U36 B 1 7  ? 4.636   9.506   -3.020  1.00 27.28 ? 19  U36 B P     1 
HETATM 454 O  OP1   . U36 B 1 7  ? 5.214   10.539  -3.916  1.00 40.00 ? 19  U36 B OP1   1 
HETATM 455 O  OP2   . U36 B 1 7  ? 3.809   8.415   -3.592  1.00 33.29 ? 19  U36 B OP2   1 
HETATM 456 O  "O5'" . U36 B 1 7  ? 5.826   8.813   -2.231  1.00 32.09 ? 19  U36 B "O5'" 1 
HETATM 457 C  "C5'" . U36 B 1 7  ? 6.818   9.610   -1.602  1.00 16.18 ? 19  U36 B "C5'" 1 
HETATM 458 C  "C4'" . U36 B 1 7  ? 7.557   8.799   -0.591  1.00 13.49 ? 19  U36 B "C4'" 1 
HETATM 459 O  "O4'" . U36 B 1 7  ? 6.642   8.271   0.399   1.00 20.37 ? 19  U36 B "O4'" 1 
HETATM 460 C  "C3'" . U36 B 1 7  ? 8.231   7.565   -1.128  1.00 17.02 ? 19  U36 B "C3'" 1 
HETATM 461 O  "O3'" . U36 B 1 7  ? 9.427   7.898   -1.793  1.00 32.24 ? 19  U36 B "O3'" 1 
HETATM 462 C  "C2'" . U36 B 1 7  ? 8.430   6.752   0.138   1.00 18.58 ? 19  U36 B "C2'" 1 
HETATM 463 O  "O2'" . U36 B 1 7  ? 9.498   7.264   0.908   1.00 21.45 ? 19  U36 B "O2'" 1 
HETATM 464 C  "C1'" . U36 B 1 7  ? 7.117   7.029   0.867   1.00 23.51 ? 19  U36 B "C1'" 1 
HETATM 465 N  N1    . U36 B 1 7  ? 6.115   5.977   0.554   1.00 21.56 ? 19  U36 B N1    1 
HETATM 466 C  C2    . U36 B 1 7  ? 6.169   4.819   1.311   1.00 14.61 ? 19  U36 B C2    1 
HETATM 467 O  O2    . U36 B 1 7  ? 6.977   4.632   2.203   1.00 21.06 ? 19  U36 B O2    1 
HETATM 468 N  N3    . U36 B 1 7  ? 5.242   3.872   0.974   1.00 20.85 ? 19  U36 B N3    1 
HETATM 469 C  C4    . U36 B 1 7  ? 4.296   3.939   -0.018  1.00 12.63 ? 19  U36 B C4    1 
HETATM 470 O  O4    . U36 B 1 7  ? 3.541   2.988   -0.171  1.00 25.04 ? 19  U36 B O4    1 
HETATM 471 C  C5    . U36 B 1 7  ? 4.293   5.171   -0.792  1.00 17.01 ? 19  U36 B C5    1 
HETATM 472 C  C6    . U36 B 1 7  ? 5.184   6.126   -0.461  1.00 17.91 ? 19  U36 B C6    1 
HETATM 473 C  "CA'" . U36 B 1 7  ? 9.829   6.497   2.068   1.00 15.59 ? 19  U36 B "CA'" 1 
HETATM 474 C  "CB'" . U36 B 1 7  ? 11.139  6.932   2.715   1.00 24.08 ? 19  U36 B "CB'" 1 
HETATM 475 C  "CD'" . U36 B 1 7  ? 13.378  6.307   1.792   1.00 24.58 ? 19  U36 B "CD'" 1 
HETATM 476 O  "OC'" . U36 B 1 7  ? 12.211  7.192   1.740   1.00 33.39 ? 19  U36 B "OC'" 1 
HETATM 477 P  P     . U36 B 1 8  ? 9.922   6.988   -3.015  1.00 25.16 ? 20  U36 B P     1 
HETATM 478 O  OP1   . U36 B 1 8  ? 11.133  7.655   -3.537  1.00 40.00 ? 20  U36 B OP1   1 
HETATM 479 O  OP2   . U36 B 1 8  ? 8.800   6.699   -3.932  1.00 29.71 ? 20  U36 B OP2   1 
HETATM 480 O  "O5'" . U36 B 1 8  ? 10.382  5.661   -2.301  1.00 14.68 ? 20  U36 B "O5'" 1 
HETATM 481 C  "C5'" . U36 B 1 8  ? 11.435  5.718   -1.375  1.00 19.62 ? 20  U36 B "C5'" 1 
HETATM 482 C  "C4'" . U36 B 1 8  ? 11.569  4.421   -0.647  1.00 24.98 ? 20  U36 B "C4'" 1 
HETATM 483 O  "O4'" . U36 B 1 8  ? 10.372  4.133   0.129   1.00 21.96 ? 20  U36 B "O4'" 1 
HETATM 484 C  "C3'" . U36 B 1 8  ? 11.750  3.172   -1.480  1.00 24.58 ? 20  U36 B "C3'" 1 
HETATM 485 O  "O3'" . U36 B 1 8  ? 13.050  3.055   -2.001  1.00 23.39 ? 20  U36 B "O3'" 1 
HETATM 486 C  "C2'" . U36 B 1 8  ? 11.452  2.093   -0.453  1.00 19.92 ? 20  U36 B "C2'" 1 
HETATM 487 O  "O2'" . U36 B 1 8  ? 12.583  1.965   0.402   1.00 22.25 ? 20  U36 B "O2'" 1 
HETATM 488 C  "C1'" . U36 B 1 8  ? 10.261  2.716   0.279   1.00 24.94 ? 20  U36 B "C1'" 1 
HETATM 489 N  N1    . U36 B 1 8  ? 8.969   2.277   -0.296  1.00 17.24 ? 20  U36 B N1    1 
HETATM 490 C  C2    . U36 B 1 8  ? 8.441   1.097   0.163   1.00 19.51 ? 20  U36 B C2    1 
HETATM 491 O  O2    . U36 B 1 8  ? 9.014   0.386   0.984   1.00 14.70 ? 20  U36 B O2    1 
HETATM 492 N  N3    . U36 B 1 8  ? 7.224   0.751   -0.373  1.00 19.68 ? 20  U36 B N3    1 
HETATM 493 C  C4    . U36 B 1 8  ? 6.493   1.458   -1.303  1.00 10.05 ? 20  U36 B C4    1 
HETATM 494 O  O4    . U36 B 1 8  ? 5.411   1.029   -1.657  1.00 19.49 ? 20  U36 B O4    1 
HETATM 495 C  C5    . U36 B 1 8  ? 7.112   2.677   -1.775  1.00 16.74 ? 20  U36 B C5    1 
HETATM 496 C  C6    . U36 B 1 8  ? 8.302   3.019   -1.259  1.00 14.38 ? 20  U36 B C6    1 
HETATM 497 C  "CA'" . U36 B 1 8  ? 12.723  0.878   1.351   1.00 20.64 ? 20  U36 B "CA'" 1 
HETATM 498 C  "CB'" . U36 B 1 8  ? 12.681  1.266   2.834   1.00 39.12 ? 20  U36 B "CB'" 1 
HETATM 499 C  "CD'" . U36 B 1 8  ? 11.690  -0.814  3.893   1.00 40.00 ? 20  U36 B "CD'" 1 
HETATM 500 O  "OC'" . U36 B 1 8  ? 11.583  0.622   3.597   1.00 40.00 ? 20  U36 B "OC'" 1 
HETATM 501 P  P     . C43 B 1 9  ? 13.268  2.332   -3.418  1.00 25.13 ? 21  C43 B P     1 
HETATM 502 O  OP2   . C43 B 1 9  ? 12.227  2.756   -4.365  1.00 19.48 ? 21  C43 B OP2   1 
HETATM 503 O  OP1   . C43 B 1 9  ? 14.702  2.511   -3.780  1.00 34.74 ? 21  C43 B OP1   1 
HETATM 504 O  "O5'" . C43 B 1 9  ? 13.055  0.797   -3.083  1.00 24.75 ? 21  C43 B "O5'" 1 
HETATM 505 C  "C5'" . C43 B 1 9  ? 13.983  0.131   -2.239  1.00 20.33 ? 21  C43 B "C5'" 1 
HETATM 506 C  "C4'" . C43 B 1 9  ? 13.513  -1.258  -1.930  1.00 26.20 ? 21  C43 B "C4'" 1 
HETATM 507 O  "O4'" . C43 B 1 9  ? 12.306  -1.237  -1.139  1.00 32.13 ? 21  C43 B "O4'" 1 
HETATM 508 C  "C3'" . C43 B 1 9  ? 13.145  -2.135  -3.110  1.00 23.59 ? 21  C43 B "C3'" 1 
HETATM 509 O  "O3'" . C43 B 1 9  ? 14.265  -2.609  -3.814  1.00 28.09 ? 21  C43 B "O3'" 1 
HETATM 510 C  "C2'" . C43 B 1 9  ? 12.377  -3.237  -2.393  1.00 17.85 ? 21  C43 B "C2'" 1 
HETATM 511 O  "O2'" . C43 B 1 9  ? 13.229  -4.182  -1.650  1.00 22.23 ? 21  C43 B "O2'" 1 
HETATM 512 C  "C1'" . C43 B 1 9  ? 11.540  -2.385  -1.427  1.00 26.35 ? 21  C43 B "C1'" 1 
HETATM 513 N  N1    . C43 B 1 9  ? 10.278  -1.929  -2.057  1.00 17.53 ? 21  C43 B N1    1 
HETATM 514 C  C2    . C43 B 1 9  ? 9.167   -2.775  -2.001  1.00 10.94 ? 21  C43 B C2    1 
HETATM 515 O  O2    . C43 B 1 9  ? 9.273   -3.850  -1.410  1.00 13.00 ? 21  C43 B O2    1 
HETATM 516 N  N3    . C43 B 1 9  ? 8.022   -2.393  -2.587  1.00 14.70 ? 21  C43 B N3    1 
HETATM 517 C  C4    . C43 B 1 9  ? 7.960   -1.233  -3.241  1.00 12.70 ? 21  C43 B C4    1 
HETATM 518 N  N4    . C43 B 1 9  ? 6.817   -0.914  -3.839  1.00 19.32 ? 21  C43 B N4    1 
HETATM 519 C  C5    . C43 B 1 9  ? 9.078   -0.349  -3.312  1.00 20.27 ? 21  C43 B C5    1 
HETATM 520 C  C6    . C43 B 1 9  ? 10.191  -0.728  -2.695  1.00 14.00 ? 21  C43 B C6    1 
HETATM 521 C  "CA'" . C43 B 1 9  ? 12.891  -5.506  -1.069  1.00 28.18 ? 21  C43 B "CA'" 1 
HETATM 522 C  "CB'" A C43 B 1 9  ? 11.923  -5.708  -0.156  0.50 25.64 ? 21  C43 B "CB'" 1 
HETATM 523 C  "CB'" B C43 B 1 9  ? 13.619  -6.746  -1.768  0.50 21.42 ? 21  C43 B "CB'" 1 
HETATM 524 C  "CD'" A C43 B 1 9  ? 10.094  -6.856  0.852   0.50 23.48 ? 21  C43 B "CD'" 1 
HETATM 525 C  "CD'" B C43 B 1 9  ? 13.011  -8.669  -3.172  0.50 34.94 ? 21  C43 B "CD'" 1 
HETATM 526 O  "OC'" A C43 B 1 9  ? 11.541  -6.860  0.645   0.50 25.16 ? 21  C43 B "OC'" 1 
HETATM 527 O  "OC'" B C43 B 1 9  ? 12.975  -8.061  -1.841  0.50 26.58 ? 21  C43 B "OC'" 1 
HETATM 528 P  P     . G48 B 1 10 ? 14.209  -2.701  -5.415  1.00 21.88 ? 22  G48 B P     1 
HETATM 529 O  OP1   . G48 B 1 10 ? 15.602  -2.899  -5.917  1.00 37.45 ? 22  G48 B OP1   1 
HETATM 530 O  "O5'" . G48 B 1 10 ? 13.454  -4.084  -5.581  1.00 17.00 ? 22  G48 B "O5'" 1 
HETATM 531 C  "C5'" . G48 B 1 10 ? 14.012  -5.259  -5.011  1.00 19.79 ? 22  G48 B "C5'" 1 
HETATM 532 C  "C4'" . G48 B 1 10 ? 13.075  -6.403  -5.184  1.00 23.28 ? 22  G48 B "C4'" 1 
HETATM 533 O  "O4'" . G48 B 1 10 ? 11.911  -6.195  -4.346  1.00 25.88 ? 22  G48 B "O4'" 1 
HETATM 534 C  "C3'" . G48 B 1 10 ? 12.509  -6.560  -6.582  1.00 29.88 ? 22  G48 B "C3'" 1 
HETATM 535 O  "O3'" . G48 B 1 10 ? 13.409  -7.214  -7.470  1.00 18.99 ? 22  G48 B "O3'" 1 
HETATM 536 C  "C2'" . G48 B 1 10 ? 11.244  -7.361  -6.311  1.00 27.08 ? 22  G48 B "C2'" 1 
HETATM 537 O  "O2'" . G48 B 1 10 ? 11.546  -8.734  -6.181  1.00 22.86 ? 22  G48 B "O2'" 1 
HETATM 538 C  "C1'" . G48 B 1 10 ? 10.779  -6.753  -4.983  1.00 32.47 ? 22  G48 B "C1'" 1 
HETATM 539 N  N9    . G48 B 1 10 ? 9.832   -5.684  -5.257  1.00 23.93 ? 22  G48 B N9    1 
HETATM 540 C  C8    . G48 B 1 10 ? 10.076  -4.337  -5.350  1.00 14.35 ? 22  G48 B C8    1 
HETATM 541 N  N7    . G48 B 1 10 ? 9.016   -3.651  -5.663  1.00 14.90 ? 22  G48 B N7    1 
HETATM 542 C  C5    . G48 B 1 10 ? 8.009   -4.603  -5.761  1.00 15.66 ? 22  G48 B C5    1 
HETATM 543 C  C6    . G48 B 1 10 ? 6.616   -4.465  -6.064  1.00 24.31 ? 22  G48 B C6    1 
HETATM 544 O  O6    . G48 B 1 10 ? 5.971   -3.441  -6.282  1.00 14.76 ? 22  G48 B O6    1 
HETATM 545 N  N1    . G48 B 1 10 ? 5.970   -5.702  -6.090  1.00 18.59 ? 22  G48 B N1    1 
HETATM 546 C  C2    . G48 B 1 10 ? 6.570   -6.907  -5.837  1.00 23.92 ? 22  G48 B C2    1 
HETATM 547 N  N2    . G48 B 1 10 ? 5.787   -7.995  -5.915  1.00 37.95 ? 22  G48 B N2    1 
HETATM 548 N  N3    . G48 B 1 10 ? 7.853   -7.042  -5.531  1.00 25.09 ? 22  G48 B N3    1 
HETATM 549 C  C4    . G48 B 1 10 ? 8.500   -5.858  -5.517  1.00 12.30 ? 22  G48 B C4    1 
HETATM 550 C  "CA'" . G48 B 1 10 ? 10.826  -9.507  -5.226  1.00 39.64 ? 22  G48 B "CA'" 1 
HETATM 551 C  "CB'" . G48 B 1 10 ? 11.181  -10.948 -5.431  1.00 40.00 ? 22  G48 B "CB'" 1 
HETATM 552 O  "OC'" . G48 B 1 10 ? 11.267  -11.248 -6.860  1.00 40.00 ? 22  G48 B "OC'" 1 
HETATM 553 C  "CD'" . G48 B 1 10 ? 11.189  -12.670 -7.139  1.00 40.00 ? 22  G48 B "CD'" 1 
HETATM 554 O  OP2   . G48 B 1 10 ? 13.373  -1.642  -6.007  1.00 20.46 ? 22  G48 B OP2   1 
HETATM 555 P  P     . C43 B 1 11 ? 13.412  -6.827  -9.028  1.00 19.04 ? 23  C43 B P     1 
HETATM 556 O  OP2   . C43 B 1 11 ? 13.173  -5.387  -9.256  1.00 21.27 ? 23  C43 B OP2   1 
HETATM 557 O  OP1   . C43 B 1 11 ? 14.601  -7.502  -9.652  1.00 29.67 ? 23  C43 B OP1   1 
HETATM 558 O  "O5'" . C43 B 1 11 ? 12.126  -7.557  -9.620  1.00 25.78 ? 23  C43 B "O5'" 1 
HETATM 559 C  "C5'" . C43 B 1 11 ? 12.004  -8.973  -9.559  1.00 17.12 ? 23  C43 B "C5'" 1 
HETATM 560 C  "C4'" . C43 B 1 11 ? 10.594  -9.377  -9.878  1.00 15.95 ? 23  C43 B "C4'" 1 
HETATM 561 O  "O4'" . C43 B 1 11 ? 9.713   -8.806  -8.880  1.00 20.50 ? 23  C43 B "O4'" 1 
HETATM 562 C  "C3'" . C43 B 1 11 ? 10.008  -8.841  -11.174 1.00 15.70 ? 23  C43 B "C3'" 1 
HETATM 563 O  "O3'" . C43 B 1 11 ? 10.397  -9.527  -12.338 1.00 28.82 ? 23  C43 B "O3'" 1 
HETATM 564 C  "C2'" . C43 B 1 11 ? 8.527   -8.994  -10.919 1.00 30.52 ? 23  C43 B "C2'" 1 
HETATM 565 O  "O2'" . C43 B 1 11 ? 8.154   -10.354 -11.061 1.00 29.01 ? 23  C43 B "O2'" 1 
HETATM 566 C  "C1'" . C43 B 1 11 ? 8.450   -8.547  -9.463  1.00 20.56 ? 23  C43 B "C1'" 1 
HETATM 567 N  N1    . C43 B 1 11 ? 8.175   -7.097  -9.412  1.00 27.55 ? 23  C43 B N1    1 
HETATM 568 C  C2    . C43 B 1 11 ? 6.846   -6.660  -9.612  1.00 19.70 ? 23  C43 B C2    1 
HETATM 569 O  O2    . C43 B 1 11 ? 5.953   -7.489  -9.814  1.00 22.40 ? 23  C43 B O2    1 
HETATM 570 N  N3    . C43 B 1 11 ? 6.569   -5.350  -9.594  1.00 15.64 ? 23  C43 B N3    1 
HETATM 571 C  C4    . C43 B 1 11 ? 7.541   -4.466  -9.392  1.00 22.61 ? 23  C43 B C4    1 
HETATM 572 N  N4    . C43 B 1 11 ? 7.190   -3.177  -9.383  1.00 19.49 ? 23  C43 B N4    1 
HETATM 573 C  C5    . C43 B 1 11 ? 8.906   -4.865  -9.191  1.00 19.38 ? 23  C43 B C5    1 
HETATM 574 C  C6    . C43 B 1 11 ? 9.175   -6.184  -9.201  1.00 16.15 ? 23  C43 B C6    1 
HETATM 575 C  "CA'" . C43 B 1 11 ? 6.744   -10.676 -11.001 1.00 34.52 ? 23  C43 B "CA'" 1 
HETATM 576 C  "CB'" . C43 B 1 11 ? 6.498   -12.152 -11.191 1.00 32.55 ? 23  C43 B "CB'" 1 
HETATM 577 C  "CD'" . C43 B 1 11 ? 7.992   -13.771 -12.312 1.00 40.00 ? 23  C43 B "CD'" 1 
HETATM 578 O  "OC'" . C43 B 1 11 ? 7.028   -12.672 -12.460 1.00 40.00 ? 23  C43 B "OC'" 1 
HETATM 579 P  P     . G48 B 1 12 ? 10.667  -8.688  -13.683 1.00 35.69 ? 24  G48 B P     1 
HETATM 580 O  OP1   . G48 B 1 12 ? 11.273  -9.662  -14.646 1.00 40.00 ? 24  G48 B OP1   1 
HETATM 581 O  "O5'" . G48 B 1 12 ? 9.210   -8.284  -14.195 1.00 31.65 ? 24  G48 B "O5'" 1 
HETATM 582 C  "C5'" . G48 B 1 12 ? 8.313   -9.300  -14.684 1.00 36.24 ? 24  G48 B "C5'" 1 
HETATM 583 C  "C4'" . G48 B 1 12 ? 6.903   -8.771  -14.782 1.00 33.90 ? 24  G48 B "C4'" 1 
HETATM 584 O  "O4'" . G48 B 1 12 ? 6.546   -8.084  -13.554 1.00 34.49 ? 24  G48 B "O4'" 1 
HETATM 585 C  "C3'" . G48 B 1 12 ? 6.570   -7.758  -15.866 1.00 29.12 ? 24  G48 B "C3'" 1 
HETATM 586 O  "O3'" . G48 B 1 12 ? 6.622   -8.203  -17.234 1.00 35.75 ? 24  G48 B "O3'" 1 
HETATM 587 C  "C2'" . G48 B 1 12 ? 5.269   -7.150  -15.349 1.00 30.73 ? 24  G48 B "C2'" 1 
HETATM 588 O  "O2'" . G48 B 1 12 ? 4.174   -8.002  -15.634 1.00 31.95 ? 24  G48 B "O2'" 1 
HETATM 589 C  "C1'" . G48 B 1 12 ? 5.524   -7.146  -13.833 1.00 35.55 ? 24  G48 B "C1'" 1 
HETATM 590 N  N9    . G48 B 1 12 ? 5.924   -5.847  -13.301 1.00 26.72 ? 24  G48 B N9    1 
HETATM 591 C  C8    . G48 B 1 12 ? 7.155   -5.478  -12.811 1.00 19.42 ? 24  G48 B C8    1 
HETATM 592 N  N7    . G48 B 1 12 ? 7.185   -4.245  -12.387 1.00 22.93 ? 24  G48 B N7    1 
HETATM 593 C  C5    . G48 B 1 12 ? 5.898   -3.768  -12.614 1.00 19.74 ? 24  G48 B C5    1 
HETATM 594 C  C6    . G48 B 1 12 ? 5.313   -2.488  -12.341 1.00 28.54 ? 24  G48 B C6    1 
HETATM 595 O  O6    . G48 B 1 12 ? 5.827   -1.500  -11.816 1.00 22.19 ? 24  G48 B O6    1 
HETATM 596 N  N1    . G48 B 1 12 ? 3.979   -2.436  -12.741 1.00 23.37 ? 24  G48 B N1    1 
HETATM 597 C  C2    . G48 B 1 12 ? 3.285   -3.477  -13.323 1.00 17.54 ? 24  G48 B C2    1 
HETATM 598 N  N2    . G48 B 1 12 ? 2.015   -3.232  -13.671 1.00 17.05 ? 24  G48 B N2    1 
HETATM 599 N  N3    . G48 B 1 12 ? 3.807   -4.671  -13.558 1.00 19.86 ? 24  G48 B N3    1 
HETATM 600 C  C4    . G48 B 1 12 ? 5.110   -4.743  -13.183 1.00 23.77 ? 24  G48 B C4    1 
HETATM 601 C  "CA'" . G48 B 1 12 ? 2.846   -7.483  -15.516 1.00 40.00 ? 24  G48 B "CA'" 1 
HETATM 602 C  "CB'" . G48 B 1 12 ? 2.202   -7.657  -14.164 1.00 38.75 ? 24  G48 B "CB'" 1 
HETATM 603 O  "OC'" . G48 B 1 12 ? 2.509   -8.940  -13.561 1.00 38.09 ? 24  G48 B "OC'" 1 
HETATM 604 C  "CD'" . G48 B 1 12 ? 2.040   -8.939  -12.195 1.00 35.37 ? 24  G48 B "CD'" 1 
HETATM 605 O  OP2   . G48 B 1 12 ? 11.404  -7.456  -13.321 1.00 40.00 ? 24  G48 B OP2   1 
HETATM 606 MG MG    . MG  C 2 .  ? -6.694  -7.883  -3.939  0.50 34.90 ? 100 MG  A MG    1 
HETATM 607 O  O     . HOH D 3 .  ? -4.951  -6.617  -3.519  1.00 20.55 ? 102 HOH A O     1 
HETATM 608 O  O     . HOH D 3 .  ? -1.912  -4.710  -4.678  1.00 17.72 ? 106 HOH A O     1 
HETATM 609 O  O     . HOH D 3 .  ? -3.659  5.131   11.584  1.00 15.10 ? 108 HOH A O     1 
HETATM 610 O  O     . HOH D 3 .  ? -2.302  -11.219 5.150   1.00 31.16 ? 109 HOH A O     1 
HETATM 611 O  O     . HOH D 3 .  ? -0.671  3.165   10.488  1.00 26.52 ? 112 HOH A O     1 
HETATM 612 O  O     . HOH D 3 .  ? 8.573   -8.793  -2.837  1.00 24.73 ? 115 HOH A O     1 
HETATM 613 O  O     . HOH D 3 .  ? -10.811 2.587   11.559  1.00 26.75 ? 116 HOH A O     1 
HETATM 614 O  O     . HOH D 3 .  ? -4.964  3.787   9.721   1.00 34.90 ? 118 HOH A O     1 
HETATM 615 O  O     . HOH D 3 .  ? 1.782   -3.082  6.160   1.00 23.90 ? 119 HOH A O     1 
HETATM 616 O  O     . HOH D 3 .  ? 1.264   -2.527  2.294   1.00 40.00 ? 120 HOH A O     1 
HETATM 617 O  O     . HOH D 3 .  ? -7.768  5.957   11.533  1.00 21.83 ? 122 HOH A O     1 
HETATM 618 O  O     . HOH D 3 .  ? -1.572  -2.063  -6.965  1.00 28.23 ? 124 HOH A O     1 
HETATM 619 O  O     . HOH D 3 .  ? 0.568   -3.370  -3.860  1.00 29.66 ? 125 HOH A O     1 
HETATM 620 O  O     . HOH D 3 .  ? 4.324   -9.732  -8.739  1.00 29.60 ? 129 HOH A O     1 
HETATM 621 O  O     . HOH D 3 .  ? 0.824   -1.355  -5.773  1.00 32.57 ? 134 HOH A O     1 
HETATM 622 O  O     . HOH D 3 .  ? -2.568  1.920   8.708   1.00 34.48 ? 135 HOH A O     1 
HETATM 623 O  O     . HOH D 3 .  ? -1.945  -12.625 -0.490  1.00 37.37 ? 136 HOH A O     1 
HETATM 624 O  O     . HOH D 3 .  ? -6.948  2.609   10.724  1.00 40.00 ? 140 HOH A O     1 
HETATM 625 O  O     . HOH D 3 .  ? -5.091  -6.949  -11.392 1.00 30.22 ? 141 HOH A O     1 
HETATM 626 O  O     . HOH D 3 .  ? 1.414   6.221   15.604  1.00 32.83 ? 143 HOH A O     1 
HETATM 627 O  O     . HOH D 3 .  ? -3.056  10.495  4.139   1.00 31.23 ? 145 HOH A O     1 
HETATM 628 O  O     . HOH D 3 .  ? 1.035   -3.663  -0.561  1.00 36.82 ? 146 HOH A O     1 
HETATM 629 O  O     . HOH D 3 .  ? 1.486   3.363   15.474  1.00 37.40 ? 149 HOH A O     1 
HETATM 630 O  O     . HOH D 3 .  ? 0.527   5.797   -9.477  1.00 40.00 ? 153 HOH A O     1 
HETATM 631 O  O     . HOH D 3 .  ? -6.262  1.075   -12.018 1.00 31.39 ? 155 HOH A O     1 
HETATM 632 O  O     . HOH D 3 .  ? 4.728   4.197   -8.675  1.00 40.00 ? 161 HOH A O     1 
HETATM 633 O  O     . HOH D 3 .  ? -3.615  -10.196 2.245   1.00 37.37 ? 162 HOH A O     1 
HETATM 634 O  O     . HOH D 3 .  ? -1.297  -11.359 2.050   1.00 37.10 ? 164 HOH A O     1 
HETATM 635 O  O     . HOH D 3 .  ? -14.578 8.737   11.985  1.00 30.66 ? 166 HOH A O     1 
HETATM 636 O  O     . HOH D 3 .  ? -18.808 1.862   11.100  1.00 40.00 ? 167 HOH A O     1 
HETATM 637 O  O     . HOH D 3 .  ? 7.211   3.875   11.983  1.00 33.17 ? 168 HOH A O     1 
HETATM 638 O  O     . HOH D 3 .  ? -17.364 4.853   13.910  0.50 30.24 ? 170 HOH A O     1 
HETATM 639 O  O     . HOH D 3 .  ? -1.101  -6.085  -1.387  0.50 23.03 ? 174 HOH A O     1 
HETATM 640 O  O     . HOH D 3 .  ? 2.179   7.166   -7.393  0.50 29.99 ? 177 HOH A O     1 
HETATM 641 O  O     . HOH D 3 .  ? 0.839   -1.589  -2.000  0.50 30.95 ? 178 HOH A O     1 
HETATM 642 O  O     . HOH D 3 .  ? 4.150   -0.111  -8.022  0.50 21.62 ? 180 HOH A O     1 
HETATM 643 O  O     . HOH D 3 .  ? -2.495  8.431   15.102  0.50 29.74 ? 181 HOH A O     1 
HETATM 644 O  O     . HOH D 3 .  ? -0.899  -0.631  7.963   0.50 33.08 ? 183 HOH A O     1 
HETATM 645 O  O     . HOH D 3 .  ? -11.622 5.084   11.712  0.50 22.47 ? 184 HOH A O     1 
HETATM 646 O  O     . HOH D 3 .  ? -0.269  1.901   -8.534  0.50 20.67 ? 186 HOH A O     1 
HETATM 647 O  O     . HOH D 3 .  ? -5.371  -10.858 0.331   0.50 26.90 ? 190 HOH A O     1 
HETATM 648 O  O     . HOH D 3 .  ? -0.460  -2.035  5.780   0.50 37.35 ? 193 HOH A O     1 
HETATM 649 O  O     . HOH D 3 .  ? -1.728  -8.029  2.896   0.50 30.71 ? 198 HOH A O     1 
HETATM 650 O  O     . HOH D 3 .  ? 1.366   -4.941  9.355   0.50 30.81 ? 199 HOH A O     1 
HETATM 651 O  O     . HOH D 3 .  ? -9.797  12.540  11.090  0.50 24.58 ? 200 HOH A O     1 
HETATM 652 O  O     . HOH D 3 .  ? -8.551  11.220  13.934  0.50 25.18 ? 201 HOH A O     1 
HETATM 653 O  O     . HOH D 3 .  ? -18.105 3.630   0.831   0.50 27.81 ? 203 HOH A O     1 
HETATM 654 O  O     . HOH E 3 .  ? -7.691  -6.010  -4.403  1.00 18.92 ? 101 HOH B O     1 
HETATM 655 O  O     . HOH E 3 .  ? -6.866  -7.786  -1.782  1.00 23.19 ? 103 HOH B O     1 
HETATM 656 O  O     . HOH E 3 .  ? 3.157   10.875  5.782   0.50 27.68 ? 104 HOH B O     1 
HETATM 657 O  O     . HOH E 3 .  ? -5.794  -3.212  1.506   1.00 18.77 ? 105 HOH B O     1 
HETATM 658 O  O     . HOH E 3 .  ? 7.113   1.503   -5.460  1.00 30.88 ? 107 HOH B O     1 
HETATM 659 O  O     . HOH E 3 .  ? 6.491   -0.857  -7.080  1.00 32.98 ? 110 HOH B O     1 
HETATM 660 O  O     . HOH E 3 .  ? -4.838  -4.237  -2.108  1.00 27.17 ? 111 HOH B O     1 
HETATM 661 O  O     . HOH E 3 .  ? -6.009  -0.846  -1.234  1.00 23.12 ? 113 HOH B O     1 
HETATM 662 O  O     . HOH E 3 .  ? 15.627  -4.052  -10.244 1.00 32.06 ? 114 HOH B O     1 
HETATM 663 O  O     . HOH E 3 .  ? 9.742   -2.746  -11.883 1.00 38.63 ? 117 HOH B O     1 
HETATM 664 O  O     . HOH E 3 .  ? -14.225 -2.231  4.226   1.00 31.47 ? 121 HOH B O     1 
HETATM 665 O  O     . HOH E 3 .  ? 10.348  1.965   -8.008  1.00 29.97 ? 123 HOH B O     1 
HETATM 666 O  O     . HOH E 3 .  ? -5.478  -0.291  6.846   1.00 40.00 ? 126 HOH B O     1 
HETATM 667 O  O     . HOH E 3 .  ? -9.603  8.840   2.422   1.00 35.13 ? 127 HOH B O     1 
HETATM 668 O  O     . HOH E 3 .  ? -7.186  -2.393  -7.020  1.00 38.92 ? 128 HOH B O     1 
HETATM 669 O  O     . HOH E 3 .  ? -2.891  2.865   -0.222  1.00 32.85 ? 130 HOH B O     1 
HETATM 670 O  O     . HOH E 3 .  ? -4.528  -1.438  3.338   1.00 27.65 ? 131 HOH B O     1 
HETATM 671 O  O     . HOH E 3 .  ? 12.375  -2.797  -8.334  1.00 24.43 ? 132 HOH B O     1 
HETATM 672 O  O     . HOH E 3 .  ? -2.951  -1.216  -1.497  1.00 40.00 ? 133 HOH B O     1 
HETATM 673 O  O     . HOH E 3 .  ? -0.218  -5.088  -14.756 1.00 37.55 ? 137 HOH B O     1 
HETATM 674 O  O     . HOH E 3 .  ? -4.920  0.639   0.521   1.00 26.46 ? 138 HOH B O     1 
HETATM 675 O  O     . HOH E 3 .  ? -12.614 3.817   2.654   1.00 40.00 ? 139 HOH B O     1 
HETATM 676 O  O     . HOH E 3 .  ? 8.622   -0.473  -11.037 1.00 31.46 ? 142 HOH B O     1 
HETATM 677 O  O     . HOH E 3 .  ? -0.511  3.810   -1.645  1.00 40.00 ? 144 HOH B O     1 
HETATM 678 O  O     . HOH E 3 .  ? -7.387  10.244  3.462   1.00 40.00 ? 147 HOH B O     1 
HETATM 679 O  O     . HOH E 3 .  ? 16.011  4.010   2.988   1.00 39.21 ? 148 HOH B O     1 
HETATM 680 O  O     . HOH E 3 .  ? 11.556  -4.951  -11.854 1.00 37.47 ? 150 HOH B O     1 
HETATM 681 O  O     . HOH E 3 .  ? -4.350  -0.873  10.084  1.00 40.00 ? 151 HOH B O     1 
HETATM 682 O  O     . HOH E 3 .  ? 14.308  -10.217 -6.242  1.00 32.02 ? 152 HOH B O     1 
HETATM 683 O  O     . HOH E 3 .  ? 1.793   2.967   -2.232  1.00 40.00 ? 154 HOH B O     1 
HETATM 684 O  O     . HOH E 3 .  ? -8.789  -2.598  -5.033  1.00 34.16 ? 156 HOH B O     1 
HETATM 685 O  O     . HOH E 3 .  ? -14.357 1.257   2.504   1.00 36.83 ? 157 HOH B O     1 
HETATM 686 O  O     . HOH E 3 .  ? 9.296   -0.985  -6.371  1.00 40.00 ? 158 HOH B O     1 
HETATM 687 O  O     . HOH E 3 .  ? -1.858  -2.638  3.686   1.00 40.00 ? 159 HOH B O     1 
HETATM 688 O  O     . HOH E 3 .  ? 6.934   -10.609 -4.573  1.00 38.84 ? 160 HOH B O     1 
HETATM 689 O  O     . HOH E 3 .  ? 16.811  -1.910  -0.619  1.00 37.38 ? 163 HOH B O     1 
HETATM 690 O  O     . HOH E 3 .  ? 15.247  3.685   0.192   1.00 40.00 ? 165 HOH B O     1 
HETATM 691 O  O     . HOH E 3 .  ? -4.988  2.351   -2.867  1.00 40.00 ? 169 HOH B O     1 
HETATM 692 O  O     . HOH E 3 .  ? 15.321  -10.406 -3.815  0.50 20.44 ? 171 HOH B O     1 
HETATM 693 O  O     . HOH E 3 .  ? 15.359  5.848   -4.270  0.50 33.74 ? 172 HOH B O     1 
HETATM 694 O  O     . HOH E 3 .  ? 12.509  1.844   9.468   0.50 31.79 ? 173 HOH B O     1 
HETATM 695 O  O     . HOH E 3 .  ? -6.063  11.432  1.644   0.50 17.70 ? 175 HOH B O     1 
HETATM 696 O  O     . HOH E 3 .  ? 5.420   -11.369 -16.952 0.50 28.32 ? 176 HOH B O     1 
HETATM 697 O  O     . HOH E 3 .  ? 1.072   0.898   -3.465  0.50 40.00 ? 179 HOH B O     1 
HETATM 698 O  O     . HOH E 3 .  ? 15.899  6.029   -1.454  0.50 23.44 ? 182 HOH B O     1 
HETATM 699 O  O     . HOH E 3 .  ? 6.820   -10.834 -7.103  0.50 24.51 ? 185 HOH B O     1 
HETATM 700 O  O     . HOH E 3 .  ? 17.116  0.342   -5.661  0.50 25.75 ? 187 HOH B O     1 
HETATM 701 O  O     . HOH E 3 .  ? -3.228  -7.297  0.157   0.50 21.10 ? 188 HOH B O     1 
HETATM 702 O  O     . HOH E 3 .  ? 4.093   1.566   -3.958  0.50 27.14 ? 189 HOH B O     1 
HETATM 703 O  O     . HOH E 3 .  ? 5.241   3.885   -4.133  0.50 24.95 ? 191 HOH B O     1 
HETATM 704 O  O     . HOH E 3 .  ? 12.242  1.366   6.322   0.50 37.36 ? 192 HOH B O     1 
HETATM 705 O  O     . HOH E 3 .  ? 9.449   2.821   -4.926  0.50 20.55 ? 194 HOH B O     1 
HETATM 706 O  O     . HOH E 3 .  ? 18.325  -1.255  -3.476  0.50 26.01 ? 195 HOH B O     1 
HETATM 707 O  O     . HOH E 3 .  ? -3.120  1.238   3.166   0.50 39.43 ? 196 HOH B O     1 
HETATM 708 O  O     . HOH E 3 .  ? -1.362  13.157  -4.332  0.50 30.69 ? 197 HOH B O     1 
HETATM 709 O  O     . HOH E 3 .  ? -15.049 5.332   1.230   0.50 20.83 ? 202 HOH B O     1 
HETATM 710 O  O     . HOH E 3 .  ? -10.047 3.400   -6.577  0.50 22.20 ? 204 HOH B O     1 
HETATM 711 O  O     . HOH E 3 .  ? -3.172  14.084  4.252   0.50 24.39 ? 205 HOH B O     1 
# 
